data_4ZOP
#
_entry.id   4ZOP
#
_cell.length_a   104.812
_cell.length_b   106.558
_cell.length_c   134.788
_cell.angle_alpha   90.000
_cell.angle_beta   90.000
_cell.angle_gamma   90.000
#
_symmetry.space_group_name_H-M   'P 21 21 21'
#
loop_
_entity.id
_entity.type
_entity.pdbx_description
1 polymer 'Phosphatidylinositol 4,5-bisphosphate 3-kinase catalytic subunit alpha isoform'
2 polymer 'Phosphatidylinositol 3-kinase regulatory subunit alpha'
3 non-polymer (2S,3R)-N~1~-(8-tert-butyl-4,5-dihydro[1,3]thiazolo[4,5-h]quinazolin-2-yl)-3-methylpyrrolidine-1,2-dicarboxamide
4 water water
#
loop_
_entity_poly.entity_id
_entity_poly.type
_entity_poly.pdbx_seq_one_letter_code
_entity_poly.pdbx_strand_id
1 'polypeptide(L)'
;MPPRPSSGELWGIHLMPPRILVECLLPNGMIVTLECLREATLITIKHELFKEARKYPLHQLLQDESSYIFVSVTQEAERE
EFFDETRRLCDLRLFQPFLKVIEPVGNREEKILNREIGFAIGMPVCEFDMVKDPEVQDFRRNILNVCKEAVDLRDLNSPH
SRAMYVYPPNVESSPELPKHIYNKLDKGQIIVVIWVIVSPNNDKQKYTLKINHDCVPEQVIAEAIRKKTRSKKLSSEQLK
LCVLEYQGKYILKVCGCDEYFLEKYPLSQYKYIRSCIMLGRMPNLMLMAKESLYSQLPMDCFTMPSYSRRISTATPYMNG
ETSTKSLWVINSALRIKILCATYVNVNIRDIDKIYVRTGIYHGGEPLCDNVNTQRVPCSNPRWNEWLNYDIYIPDLPRAA
RLCLSICSVKGRKGAKEEHCPLAWGNINLFDYTDTLVSGKMALNLWPVPHGLEDLLNPIGVTGSNPNKETPCLELEFDWF
SSVVKFPDMSVIEEHANWSVSREAGFSYSHAGLSNRLARDNELRENDKEQLKAISTRDPLSEITEQEKDFLWSHRHYCVT
IPEILPKLLLSVKWNSRDEVAQMYCLVKDWPPIKPEQAMELLDCNYPDPMVRGFAVRCLEKYLTDDKLSQYLIQLVQVLK
YEQYLDNLLVRFLLKKALTNQRIGHFFFWHLKSEMHNKTVSQRFGLLLESYCRACGMYLKHLNRQVEAMEKLINLTDILK
QEKKDETQKVQMKFLVEQMRRPDFMDALQGFLSPLNPAHQLGNLRLEECRIMSSAKRPLWLNWENPDIMSELLFQNNEII
FKNGDDLRQDMLTLQIIRIMENIWQNQGLDLRMLPYGCLSIGDCVGLIEVVRNSHTIMQIQCKGGLKGALQFNSHTLHQW
LKDKNKGEIYDAAIDLFTRSCAGYCVATFILGIGDRHNSNIMVKDDGQLFHIDFGHFLDHKKKKFGYKRERVPFVLTQDF
LIVISKGAQECTKTREFERFQEMCYKAYLAIRQHANLFINLFSMMLGSGMPELQSFDDIAYIRKTLALDKTEQEALEYFM
KQMNDAHHGGWTTKMDWIFHTIKQHALNHHHHHH
;
A
2 'polypeptide(L)'
;MHNLQYLPPKPPKPTTVANNGMNNNMSLQDAEWYWGDISREEVNEKLRDTADGTFLVRDASTKMHGDYTLTLRKGGNNKL
IKIFHRDGKYGFSDPLTFSSVVELINHYRNESLAQYNPKLDVKLLYPVSKYQQDQVVKEDNIEAVGKKLHEYNTQFQEKS
REYDRLYEEYTRTSQEIQMKRTAIEAFNETIKIFEEQCQTQERYSKEYIEKFKREGNEKEIQRIMHNYDKLKSRISEIID
SRRRLEEDLKKQAAEYREIDKRMNSIKPDLIQLRKTRDQYLMWLTQKGVR
;
B
#
# COMPACT_ATOMS: atom_id res chain seq x y z
N PRO A 2 -22.03 -3.77 5.10
CA PRO A 2 -20.72 -4.11 4.54
C PRO A 2 -20.20 -3.05 3.55
N PRO A 3 -19.03 -3.25 2.87
CA PRO A 3 -18.63 -2.26 1.85
C PRO A 3 -19.46 -2.48 0.57
N ARG A 4 -19.79 -1.36 -0.10
CA ARG A 4 -20.60 -1.27 -1.32
C ARG A 4 -20.09 -2.23 -2.48
N PRO A 5 -20.97 -3.17 -2.94
CA PRO A 5 -20.58 -4.12 -4.01
C PRO A 5 -20.01 -3.53 -5.31
N SER A 6 -20.61 -2.41 -5.80
CA SER A 6 -20.23 -1.66 -7.01
C SER A 6 -20.32 -0.14 -6.72
N SER A 7 -20.31 0.72 -7.77
CA SER A 7 -20.48 2.18 -7.64
C SER A 7 -21.76 2.64 -8.39
N GLY A 8 -22.68 1.68 -8.61
CA GLY A 8 -23.96 1.87 -9.27
C GLY A 8 -25.01 2.66 -8.50
N GLU A 9 -26.00 3.19 -9.25
CA GLU A 9 -27.12 3.94 -8.70
C GLU A 9 -28.13 3.03 -7.95
N LEU A 10 -28.20 1.73 -8.33
CA LEU A 10 -29.04 0.68 -7.72
C LEU A 10 -28.27 -0.62 -7.67
N TRP A 11 -28.80 -1.65 -7.00
CA TRP A 11 -28.17 -2.97 -7.00
C TRP A 11 -28.47 -3.61 -8.36
N GLY A 12 -27.43 -4.15 -9.00
CA GLY A 12 -27.50 -4.77 -10.32
C GLY A 12 -27.79 -3.80 -11.46
N ILE A 13 -27.80 -2.46 -11.19
CA ILE A 13 -28.08 -1.41 -12.18
C ILE A 13 -27.11 -0.25 -11.98
N HIS A 14 -26.10 -0.11 -12.89
CA HIS A 14 -25.07 0.94 -12.81
C HIS A 14 -25.68 2.33 -12.93
N LEU A 15 -26.62 2.48 -13.86
CA LEU A 15 -27.29 3.73 -14.12
C LEU A 15 -28.76 3.56 -14.08
N MET A 16 -29.46 4.45 -13.35
CA MET A 16 -30.91 4.48 -13.34
C MET A 16 -31.37 5.02 -14.70
N PRO A 17 -32.51 4.52 -15.25
CA PRO A 17 -33.03 5.08 -16.52
C PRO A 17 -33.50 6.53 -16.30
N PRO A 18 -33.75 7.37 -17.34
CA PRO A 18 -34.15 8.78 -17.09
C PRO A 18 -35.30 8.93 -16.10
N ARG A 19 -36.30 8.06 -16.22
CA ARG A 19 -37.50 7.96 -15.38
C ARG A 19 -37.46 6.57 -14.70
N ILE A 20 -37.88 6.51 -13.44
CA ILE A 20 -37.88 5.29 -12.62
C ILE A 20 -39.08 5.30 -11.63
N LEU A 21 -39.68 4.14 -11.38
CA LEU A 21 -40.79 4.00 -10.44
C LEU A 21 -40.23 3.79 -9.03
N VAL A 22 -40.69 4.60 -8.06
CA VAL A 22 -40.24 4.51 -6.66
C VAL A 22 -41.39 4.13 -5.73
N GLU A 23 -41.22 3.02 -4.98
CA GLU A 23 -42.19 2.53 -3.98
C GLU A 23 -42.02 3.41 -2.76
N CYS A 24 -43.08 4.13 -2.39
CA CYS A 24 -43.08 5.04 -1.24
C CYS A 24 -43.96 4.52 -0.11
N LEU A 25 -43.36 4.30 1.06
CA LEU A 25 -44.00 3.73 2.24
C LEU A 25 -44.42 4.77 3.23
N LEU A 26 -45.70 5.15 3.12
CA LEU A 26 -46.32 6.16 3.95
C LEU A 26 -46.44 5.77 5.43
N PRO A 27 -46.45 6.77 6.34
CA PRO A 27 -46.50 6.46 7.77
C PRO A 27 -47.81 5.86 8.29
N ASN A 28 -48.86 5.81 7.43
CA ASN A 28 -50.19 5.26 7.71
C ASN A 28 -50.35 3.84 7.15
N GLY A 29 -49.24 3.24 6.68
CA GLY A 29 -49.22 1.91 6.12
C GLY A 29 -49.48 1.87 4.63
N MET A 30 -49.85 3.00 4.01
CA MET A 30 -50.07 3.04 2.55
C MET A 30 -48.76 2.98 1.74
N ILE A 31 -48.84 2.38 0.55
CA ILE A 31 -47.75 2.26 -0.44
C ILE A 31 -48.13 3.03 -1.71
N VAL A 32 -47.30 3.98 -2.11
CA VAL A 32 -47.58 4.76 -3.32
C VAL A 32 -46.44 4.57 -4.33
N THR A 33 -46.77 4.17 -5.57
CA THR A 33 -45.77 4.08 -6.63
C THR A 33 -45.75 5.47 -7.28
N LEU A 34 -44.58 6.09 -7.27
CA LEU A 34 -44.38 7.42 -7.81
C LEU A 34 -43.33 7.30 -8.90
N GLU A 35 -43.65 7.78 -10.11
CA GLU A 35 -42.65 7.79 -11.18
C GLU A 35 -41.80 9.05 -10.93
N CYS A 36 -40.50 8.85 -10.71
CA CYS A 36 -39.54 9.92 -10.45
C CYS A 36 -38.52 10.02 -11.59
N LEU A 37 -37.88 11.19 -11.73
CA LEU A 37 -36.76 11.44 -12.65
C LEU A 37 -35.51 10.96 -11.89
N ARG A 38 -34.55 10.30 -12.54
CA ARG A 38 -33.36 9.81 -11.83
C ARG A 38 -32.53 10.87 -11.09
N GLU A 39 -32.62 12.14 -11.48
CA GLU A 39 -31.84 13.23 -10.88
C GLU A 39 -32.67 14.12 -9.96
N ALA A 40 -33.97 13.84 -9.80
CA ALA A 40 -34.85 14.64 -8.93
C ALA A 40 -34.36 14.60 -7.48
N THR A 41 -34.50 15.73 -6.76
CA THR A 41 -34.09 15.85 -5.39
C THR A 41 -35.14 15.29 -4.45
N LEU A 42 -34.75 15.05 -3.20
CA LEU A 42 -35.67 14.50 -2.21
C LEU A 42 -36.80 15.47 -1.86
N ILE A 43 -36.57 16.80 -1.97
CA ILE A 43 -37.60 17.86 -1.73
C ILE A 43 -38.69 17.76 -2.79
N THR A 44 -38.30 17.52 -4.04
CA THR A 44 -39.25 17.37 -5.15
C THR A 44 -40.06 16.07 -4.99
N ILE A 45 -39.37 14.93 -4.80
CA ILE A 45 -39.98 13.62 -4.59
C ILE A 45 -40.95 13.66 -3.40
N LYS A 46 -40.53 14.23 -2.25
CA LYS A 46 -41.41 14.32 -1.07
C LYS A 46 -42.67 15.13 -1.37
N HIS A 47 -42.51 16.29 -2.03
CA HIS A 47 -43.62 17.16 -2.41
C HIS A 47 -44.59 16.47 -3.38
N GLU A 48 -44.05 15.73 -4.38
CA GLU A 48 -44.87 14.97 -5.33
C GLU A 48 -45.57 13.78 -4.65
N LEU A 49 -44.92 13.16 -3.65
CA LEU A 49 -45.50 12.04 -2.91
C LEU A 49 -46.65 12.52 -2.03
N PHE A 50 -46.43 13.60 -1.29
CA PHE A 50 -47.46 14.12 -0.39
C PHE A 50 -48.68 14.67 -1.16
N LYS A 51 -48.50 15.13 -2.43
CA LYS A 51 -49.61 15.59 -3.28
C LYS A 51 -50.44 14.39 -3.74
N GLU A 52 -49.75 13.31 -4.17
CA GLU A 52 -50.35 12.07 -4.64
C GLU A 52 -50.97 11.26 -3.51
N ALA A 53 -50.40 11.33 -2.30
CA ALA A 53 -50.88 10.63 -1.11
C ALA A 53 -52.32 11.01 -0.72
N ARG A 54 -52.82 12.18 -1.18
CA ARG A 54 -54.17 12.68 -0.90
C ARG A 54 -55.25 11.88 -1.65
N LYS A 55 -54.85 11.14 -2.71
CA LYS A 55 -55.68 10.27 -3.54
C LYS A 55 -55.76 8.82 -2.96
N TYR A 56 -55.12 8.59 -1.79
CA TYR A 56 -55.03 7.27 -1.17
C TYR A 56 -55.74 7.24 0.18
N PRO A 57 -56.21 6.07 0.68
CA PRO A 57 -56.90 6.07 1.98
C PRO A 57 -56.02 6.53 3.13
N LEU A 58 -56.66 6.96 4.22
CA LEU A 58 -56.07 7.40 5.49
C LEU A 58 -55.15 8.64 5.38
N HIS A 59 -55.27 9.44 4.29
CA HIS A 59 -54.46 10.65 4.12
C HIS A 59 -54.58 11.60 5.34
N GLN A 60 -55.76 11.60 6.00
CA GLN A 60 -56.08 12.36 7.21
C GLN A 60 -55.12 12.06 8.37
N LEU A 61 -54.47 10.89 8.36
CA LEU A 61 -53.51 10.53 9.40
C LEU A 61 -52.15 11.18 9.14
N LEU A 62 -51.88 11.59 7.89
CA LEU A 62 -50.61 12.22 7.51
C LEU A 62 -50.54 13.70 7.96
N GLN A 63 -49.37 14.05 8.52
CA GLN A 63 -49.03 15.40 8.96
C GLN A 63 -48.47 16.16 7.73
N ASP A 64 -47.93 17.37 7.96
CA ASP A 64 -47.31 18.21 6.92
C ASP A 64 -46.06 17.48 6.36
N GLU A 65 -45.79 17.58 5.05
CA GLU A 65 -44.62 16.91 4.43
C GLU A 65 -43.31 17.28 5.11
N SER A 66 -43.27 18.49 5.68
CA SER A 66 -42.18 19.10 6.44
C SER A 66 -41.89 18.35 7.74
N SER A 67 -42.87 17.60 8.24
CA SER A 67 -42.75 16.84 9.49
C SER A 67 -41.90 15.59 9.29
N TYR A 68 -41.77 15.14 8.02
CA TYR A 68 -41.06 13.91 7.70
C TYR A 68 -39.75 14.08 6.94
N ILE A 69 -38.98 12.99 6.89
CA ILE A 69 -37.77 12.77 6.08
C ILE A 69 -37.93 11.36 5.51
N PHE A 70 -37.05 11.00 4.55
CA PHE A 70 -37.01 9.67 3.98
C PHE A 70 -35.87 8.89 4.59
N VAL A 71 -36.05 7.59 4.62
CA VAL A 71 -35.13 6.58 5.09
C VAL A 71 -35.27 5.44 4.04
N SER A 72 -34.18 4.74 3.74
CA SER A 72 -34.18 3.60 2.83
C SER A 72 -32.97 2.74 3.14
N VAL A 73 -32.89 1.57 2.54
CA VAL A 73 -31.74 0.63 2.64
C VAL A 73 -30.79 1.02 1.48
N THR A 74 -29.52 1.26 1.82
CA THR A 74 -28.46 1.59 0.87
C THR A 74 -27.71 0.33 0.45
N GLN A 75 -26.80 0.48 -0.52
CA GLN A 75 -25.97 -0.60 -1.04
C GLN A 75 -25.00 -1.14 0.00
N GLU A 76 -24.86 -0.41 1.10
CA GLU A 76 -24.02 -0.89 2.19
C GLU A 76 -24.83 -1.70 3.23
N ALA A 77 -26.10 -2.07 2.87
CA ALA A 77 -27.10 -2.80 3.67
C ALA A 77 -27.48 -1.99 4.91
N GLU A 78 -27.25 -0.67 4.85
CA GLU A 78 -27.54 0.29 5.92
C GLU A 78 -28.88 0.97 5.71
N ARG A 79 -29.58 1.20 6.81
CA ARG A 79 -30.84 1.93 6.89
C ARG A 79 -30.39 3.38 7.10
N GLU A 80 -30.32 4.14 6.02
CA GLU A 80 -29.87 5.53 6.08
C GLU A 80 -31.01 6.53 6.08
N GLU A 81 -30.91 7.51 7.00
CA GLU A 81 -31.87 8.61 7.19
C GLU A 81 -31.41 9.78 6.34
N PHE A 82 -32.28 10.23 5.45
CA PHE A 82 -31.93 11.29 4.50
C PHE A 82 -32.29 12.69 4.98
N PHE A 83 -31.40 13.25 5.83
CA PHE A 83 -31.51 14.60 6.39
C PHE A 83 -31.19 15.69 5.38
N ASP A 84 -30.32 15.38 4.41
CA ASP A 84 -29.99 16.33 3.34
C ASP A 84 -30.94 16.03 2.16
N GLU A 85 -32.08 16.72 2.17
CA GLU A 85 -33.12 16.56 1.16
C GLU A 85 -32.79 17.23 -0.19
N THR A 86 -31.62 17.90 -0.29
CA THR A 86 -31.16 18.48 -1.56
C THR A 86 -30.47 17.43 -2.42
N ARG A 87 -30.25 16.22 -1.86
CA ARG A 87 -29.62 15.11 -2.58
C ARG A 87 -30.58 14.55 -3.64
N ARG A 88 -29.99 14.00 -4.72
CA ARG A 88 -30.71 13.46 -5.86
C ARG A 88 -30.82 11.97 -5.68
N LEU A 89 -31.93 11.42 -6.17
CA LEU A 89 -32.26 9.99 -6.15
C LEU A 89 -31.12 9.12 -6.71
N CYS A 90 -30.48 9.53 -7.83
CA CYS A 90 -29.33 8.80 -8.41
C CYS A 90 -28.08 8.75 -7.49
N ASP A 91 -27.96 9.69 -6.54
CA ASP A 91 -26.80 9.76 -5.63
C ASP A 91 -27.04 9.18 -4.23
N LEU A 92 -28.20 8.55 -4.01
CA LEU A 92 -28.54 7.98 -2.72
C LEU A 92 -27.91 6.62 -2.45
N ARG A 93 -27.40 5.92 -3.48
CA ARG A 93 -26.78 4.58 -3.39
C ARG A 93 -27.82 3.60 -2.83
N LEU A 94 -29.05 3.68 -3.37
CA LEU A 94 -30.17 2.80 -2.94
C LEU A 94 -29.95 1.39 -3.35
N PHE A 95 -30.30 0.43 -2.48
CA PHE A 95 -30.22 -0.99 -2.81
C PHE A 95 -31.34 -1.29 -3.83
N GLN A 96 -32.59 -0.90 -3.50
CA GLN A 96 -33.77 -1.05 -4.36
C GLN A 96 -34.54 0.28 -4.40
N PRO A 97 -35.33 0.55 -5.47
CA PRO A 97 -36.04 1.83 -5.56
C PRO A 97 -37.29 1.93 -4.66
N PHE A 98 -37.05 2.19 -3.38
CA PHE A 98 -38.10 2.40 -2.40
C PHE A 98 -37.66 3.47 -1.40
N LEU A 99 -38.64 4.18 -0.80
CA LEU A 99 -38.38 5.19 0.24
C LEU A 99 -39.41 5.03 1.34
N LYS A 100 -39.00 5.07 2.59
CA LYS A 100 -39.92 4.97 3.71
C LYS A 100 -39.94 6.32 4.40
N VAL A 101 -41.14 6.85 4.69
CA VAL A 101 -41.40 8.17 5.30
C VAL A 101 -41.41 8.07 6.84
N ILE A 102 -40.47 8.73 7.50
CA ILE A 102 -40.38 8.73 8.98
C ILE A 102 -40.27 10.13 9.57
N GLU A 103 -40.50 10.23 10.87
CA GLU A 103 -40.33 11.46 11.61
C GLU A 103 -38.90 11.49 12.12
N PRO A 104 -38.16 12.60 11.88
CA PRO A 104 -36.78 12.69 12.38
C PRO A 104 -36.70 12.45 13.88
N VAL A 105 -35.85 11.51 14.28
CA VAL A 105 -35.59 11.17 15.68
C VAL A 105 -34.07 11.17 15.93
N GLY A 106 -33.69 10.96 17.19
CA GLY A 106 -32.30 10.85 17.63
C GLY A 106 -31.48 12.11 17.52
N ASN A 107 -30.17 12.00 17.76
CA ASN A 107 -29.25 13.13 17.66
C ASN A 107 -29.00 13.42 16.18
N ARG A 108 -29.70 14.41 15.62
CA ARG A 108 -29.64 14.78 14.21
C ARG A 108 -28.22 15.07 13.71
N GLU A 109 -27.47 15.89 14.45
CA GLU A 109 -26.12 16.34 14.09
C GLU A 109 -25.08 15.22 14.13
N GLU A 110 -25.19 14.29 15.09
CA GLU A 110 -24.33 13.12 15.21
C GLU A 110 -24.57 12.17 14.05
N LYS A 111 -25.83 11.98 13.69
CA LYS A 111 -26.28 11.13 12.61
C LYS A 111 -25.77 11.67 11.27
N ILE A 112 -25.82 13.01 11.11
CA ILE A 112 -25.37 13.66 9.89
C ILE A 112 -23.84 13.50 9.76
N LEU A 113 -23.09 13.77 10.84
CA LEU A 113 -21.64 13.61 10.89
C LEU A 113 -21.19 12.16 10.66
N ASN A 114 -21.78 11.19 11.39
CA ASN A 114 -21.48 9.77 11.20
C ASN A 114 -21.70 9.25 9.72
N ARG A 115 -22.68 9.82 9.00
CA ARG A 115 -23.00 9.46 7.60
C ARG A 115 -21.93 10.02 6.65
N GLU A 116 -21.49 11.26 6.91
CA GLU A 116 -20.42 11.96 6.20
C GLU A 116 -19.11 11.19 6.40
N ILE A 117 -18.82 10.76 7.67
CA ILE A 117 -17.67 9.93 8.00
C ILE A 117 -17.78 8.58 7.22
N GLY A 118 -18.89 7.88 7.36
CA GLY A 118 -19.14 6.62 6.69
C GLY A 118 -18.99 6.66 5.18
N PHE A 119 -19.35 7.80 4.55
CA PHE A 119 -19.29 8.02 3.11
C PHE A 119 -17.83 8.12 2.67
N ALA A 120 -17.04 8.93 3.39
CA ALA A 120 -15.62 9.15 3.13
C ALA A 120 -14.80 7.85 3.18
N ILE A 121 -15.07 7.03 4.18
CA ILE A 121 -14.40 5.81 4.62
C ILE A 121 -14.84 4.55 3.88
N GLY A 122 -15.96 4.61 3.15
CA GLY A 122 -16.51 3.51 2.38
C GLY A 122 -17.10 2.38 3.19
N MET A 123 -17.64 2.69 4.37
CA MET A 123 -18.17 1.72 5.32
C MET A 123 -19.05 2.47 6.36
N PRO A 124 -20.24 1.94 6.73
CA PRO A 124 -21.07 2.65 7.73
C PRO A 124 -20.50 2.58 9.15
N VAL A 125 -20.43 3.74 9.82
CA VAL A 125 -19.88 3.93 11.18
C VAL A 125 -20.50 2.98 12.22
N CYS A 126 -21.81 2.66 12.06
CA CYS A 126 -22.60 1.79 12.93
C CYS A 126 -22.07 0.36 12.99
N GLU A 127 -21.26 -0.04 11.98
CA GLU A 127 -20.68 -1.39 11.94
C GLU A 127 -19.67 -1.59 13.05
N PHE A 128 -18.95 -0.50 13.41
CA PHE A 128 -18.01 -0.45 14.54
C PHE A 128 -18.75 -0.60 15.87
N ASP A 129 -19.90 0.13 16.07
CA ASP A 129 -20.71 0.09 17.29
C ASP A 129 -21.07 -1.33 17.72
N MET A 130 -21.28 -2.21 16.72
CA MET A 130 -21.64 -3.61 16.85
C MET A 130 -20.49 -4.46 17.46
N VAL A 131 -19.30 -4.47 16.80
CA VAL A 131 -18.08 -5.24 17.14
C VAL A 131 -17.94 -5.53 18.66
N LYS A 132 -17.92 -6.84 19.00
CA LYS A 132 -17.80 -7.37 20.36
C LYS A 132 -16.41 -7.10 20.97
N ASP A 133 -15.31 -7.36 20.20
CA ASP A 133 -13.89 -7.18 20.60
C ASP A 133 -13.63 -5.95 21.48
N PRO A 134 -13.21 -6.17 22.75
CA PRO A 134 -12.89 -5.05 23.65
C PRO A 134 -11.74 -4.15 23.17
N GLU A 135 -10.73 -4.75 22.47
CA GLU A 135 -9.59 -4.00 21.91
C GLU A 135 -10.07 -2.89 20.96
N VAL A 136 -11.06 -3.23 20.10
CA VAL A 136 -11.70 -2.35 19.12
C VAL A 136 -12.37 -1.18 19.83
N GLN A 137 -13.31 -1.47 20.77
CA GLN A 137 -14.08 -0.44 21.48
C GLN A 137 -13.21 0.48 22.33
N ASP A 138 -12.10 -0.06 22.88
CA ASP A 138 -11.12 0.70 23.64
C ASP A 138 -10.36 1.60 22.72
N PHE A 139 -9.97 1.08 21.52
CA PHE A 139 -9.28 1.89 20.51
C PHE A 139 -10.16 3.09 20.11
N ARG A 140 -11.46 2.85 19.88
CA ARG A 140 -12.38 3.91 19.47
C ARG A 140 -12.45 5.03 20.47
N ARG A 141 -12.48 4.70 21.77
CA ARG A 141 -12.55 5.66 22.87
C ARG A 141 -11.20 6.29 23.15
N ASN A 142 -10.15 5.46 23.29
CA ASN A 142 -8.81 5.88 23.65
C ASN A 142 -8.14 6.76 22.62
N ILE A 143 -8.42 6.58 21.33
CA ILE A 143 -7.77 7.42 20.29
C ILE A 143 -8.24 8.89 20.32
N LEU A 144 -9.41 9.13 20.94
CA LEU A 144 -10.06 10.43 21.07
C LEU A 144 -9.19 11.47 21.78
N ASN A 145 -8.19 11.01 22.55
CA ASN A 145 -7.18 11.82 23.26
C ASN A 145 -6.36 12.59 22.22
N VAL A 146 -5.88 11.86 21.18
CA VAL A 146 -5.08 12.34 20.04
C VAL A 146 -5.91 13.35 19.25
N CYS A 147 -7.22 13.05 19.03
CA CYS A 147 -8.14 13.91 18.28
C CYS A 147 -8.26 15.27 18.97
N LYS A 148 -8.50 15.24 20.30
CA LYS A 148 -8.60 16.42 21.15
C LYS A 148 -7.33 17.24 21.07
N GLU A 149 -6.19 16.59 21.37
CA GLU A 149 -4.86 17.21 21.37
C GLU A 149 -4.65 18.08 20.12
N ALA A 150 -4.77 17.45 18.92
CA ALA A 150 -4.61 18.05 17.60
C ALA A 150 -5.50 19.25 17.34
N VAL A 151 -6.81 19.14 17.66
CA VAL A 151 -7.79 20.21 17.45
C VAL A 151 -7.53 21.40 18.38
N ASP A 152 -7.16 21.13 19.65
CA ASP A 152 -6.86 22.17 20.62
C ASP A 152 -5.63 22.92 20.17
N LEU A 153 -4.58 22.18 19.76
CA LEU A 153 -3.32 22.69 19.22
C LEU A 153 -3.50 23.47 17.88
N ARG A 154 -4.66 23.32 17.23
CA ARG A 154 -5.00 24.00 15.98
C ARG A 154 -5.67 25.36 16.25
N ASP A 155 -6.39 25.49 17.38
CA ASP A 155 -7.02 26.73 17.79
C ASP A 155 -6.15 27.47 18.85
N LEU A 156 -4.83 27.12 18.94
CA LEU A 156 -3.89 27.74 19.89
C LEU A 156 -3.65 29.19 19.50
N ASN A 157 -3.07 29.43 18.30
CA ASN A 157 -2.77 30.75 17.76
C ASN A 157 -3.66 31.03 16.55
N SER A 158 -4.99 30.88 16.69
CA SER A 158 -5.96 31.13 15.60
C SER A 158 -5.93 32.63 15.23
N PRO A 159 -5.98 33.00 13.93
CA PRO A 159 -6.20 32.15 12.74
C PRO A 159 -4.93 31.63 12.04
N HIS A 160 -3.70 32.02 12.49
CA HIS A 160 -2.43 31.57 11.91
C HIS A 160 -2.25 30.06 12.06
N SER A 161 -2.48 29.52 13.27
CA SER A 161 -2.36 28.09 13.52
C SER A 161 -3.39 27.29 12.68
N ARG A 162 -4.50 27.95 12.30
CA ARG A 162 -5.54 27.38 11.46
C ARG A 162 -5.09 27.39 10.00
N ALA A 163 -4.48 28.50 9.58
CA ALA A 163 -3.92 28.66 8.24
C ALA A 163 -2.70 27.74 8.03
N MET A 164 -1.92 27.50 9.10
CA MET A 164 -0.76 26.62 9.13
C MET A 164 -1.14 25.16 8.97
N TYR A 165 -2.34 24.80 9.43
CA TYR A 165 -2.90 23.47 9.31
C TYR A 165 -3.41 23.26 7.88
N VAL A 166 -4.21 24.22 7.38
CA VAL A 166 -4.82 24.15 6.05
C VAL A 166 -3.76 24.24 5.00
N TYR A 167 -2.98 25.31 5.02
CA TYR A 167 -1.93 25.57 4.06
C TYR A 167 -0.56 25.53 4.75
N PRO A 168 0.01 24.32 4.98
CA PRO A 168 1.32 24.22 5.64
C PRO A 168 2.46 24.61 4.68
N PRO A 169 3.63 25.02 5.23
CA PRO A 169 4.74 25.41 4.34
C PRO A 169 5.31 24.23 3.54
N ASN A 170 5.33 24.33 2.22
CA ASN A 170 5.88 23.29 1.38
C ASN A 170 7.38 23.60 1.20
N VAL A 171 8.16 23.23 2.24
CA VAL A 171 9.60 23.49 2.39
C VAL A 171 10.47 22.21 2.35
N GLU A 172 11.77 22.41 2.14
CA GLU A 172 12.76 21.33 2.17
C GLU A 172 13.12 21.05 3.63
N SER A 173 13.92 20.00 3.89
CA SER A 173 14.31 19.70 5.27
C SER A 173 15.41 20.63 5.82
N SER A 174 16.20 21.29 4.92
CA SER A 174 17.30 22.17 5.34
C SER A 174 17.48 23.43 4.49
N PRO A 175 17.76 24.60 5.15
CA PRO A 175 17.99 25.85 4.39
C PRO A 175 19.27 25.86 3.55
N GLU A 176 20.26 25.02 3.92
CA GLU A 176 21.53 24.83 3.23
C GLU A 176 21.29 24.50 1.76
N LEU A 177 21.66 25.43 0.88
CA LEU A 177 21.49 25.35 -0.56
C LEU A 177 22.66 24.64 -1.24
N PRO A 178 22.42 23.51 -1.97
CA PRO A 178 23.53 22.85 -2.69
C PRO A 178 24.28 23.85 -3.56
N LYS A 179 25.62 23.82 -3.49
CA LYS A 179 26.51 24.74 -4.19
C LYS A 179 26.20 24.88 -5.70
N HIS A 180 25.76 23.81 -6.39
CA HIS A 180 25.40 23.88 -7.81
C HIS A 180 24.10 24.68 -8.08
N ILE A 181 23.20 24.75 -7.06
CA ILE A 181 21.93 25.50 -7.09
C ILE A 181 22.30 26.97 -6.84
N TYR A 182 23.14 27.22 -5.81
CA TYR A 182 23.64 28.54 -5.40
C TYR A 182 24.42 29.26 -6.52
N ASN A 183 25.11 28.52 -7.39
CA ASN A 183 25.88 29.13 -8.48
C ASN A 183 24.98 29.63 -9.63
N LYS A 184 23.70 29.19 -9.64
CA LYS A 184 22.70 29.64 -10.61
C LYS A 184 22.19 31.03 -10.18
N LEU A 185 22.41 31.39 -8.89
CA LEU A 185 22.09 32.69 -8.30
C LEU A 185 23.13 33.73 -8.71
N ASP A 186 22.73 35.02 -8.69
CA ASP A 186 23.60 36.14 -9.01
C ASP A 186 23.99 36.83 -7.68
N LYS A 187 25.17 36.46 -7.15
CA LYS A 187 25.74 36.92 -5.88
C LYS A 187 24.83 36.60 -4.68
N GLY A 188 24.30 35.37 -4.68
CA GLY A 188 23.42 34.86 -3.64
C GLY A 188 22.07 35.55 -3.56
N GLN A 189 21.62 36.09 -4.71
CA GLN A 189 20.35 36.81 -4.84
C GLN A 189 19.48 36.24 -5.97
N ILE A 190 18.15 36.25 -5.76
CA ILE A 190 17.11 35.76 -6.67
C ILE A 190 16.20 36.89 -7.20
N ILE A 191 15.77 36.79 -8.48
CA ILE A 191 14.80 37.67 -9.14
C ILE A 191 13.40 37.01 -9.00
N VAL A 192 12.50 37.63 -8.21
CA VAL A 192 11.13 37.13 -8.01
C VAL A 192 10.14 38.11 -8.65
N VAL A 193 8.92 37.65 -9.00
CA VAL A 193 7.90 38.55 -9.56
C VAL A 193 6.73 38.55 -8.58
N ILE A 194 6.50 39.68 -7.89
CA ILE A 194 5.39 39.80 -6.94
C ILE A 194 4.18 40.42 -7.61
N TRP A 195 3.19 39.57 -7.92
CA TRP A 195 1.93 39.97 -8.52
C TRP A 195 0.93 40.41 -7.45
N VAL A 196 0.10 41.40 -7.78
CA VAL A 196 -0.95 41.88 -6.87
C VAL A 196 -2.26 42.10 -7.64
N ILE A 197 -3.39 41.65 -7.05
CA ILE A 197 -4.71 41.78 -7.65
C ILE A 197 -5.31 43.07 -7.09
N VAL A 198 -5.13 44.18 -7.85
CA VAL A 198 -5.58 45.50 -7.43
C VAL A 198 -7.10 45.64 -7.57
N SER A 199 -7.74 46.24 -6.56
CA SER A 199 -9.18 46.49 -6.52
C SER A 199 -9.50 47.84 -7.21
N PRO A 200 -10.70 48.04 -7.82
CA PRO A 200 -11.86 47.14 -7.88
C PRO A 200 -12.00 46.30 -9.16
N ASN A 201 -11.26 46.63 -10.23
CA ASN A 201 -11.35 45.93 -11.53
C ASN A 201 -10.65 44.57 -11.58
N ASN A 202 -9.84 44.25 -10.53
CA ASN A 202 -9.04 43.02 -10.38
C ASN A 202 -7.96 42.95 -11.47
N ASP A 203 -7.24 44.06 -11.67
CA ASP A 203 -6.15 44.19 -12.64
C ASP A 203 -4.91 43.56 -12.04
N LYS A 204 -4.16 42.80 -12.86
CA LYS A 204 -2.96 42.08 -12.43
C LYS A 204 -1.70 42.95 -12.58
N GLN A 205 -1.14 43.40 -11.43
CA GLN A 205 0.07 44.24 -11.38
C GLN A 205 1.33 43.41 -11.12
N LYS A 206 2.39 43.70 -11.89
CA LYS A 206 3.69 43.03 -11.90
C LYS A 206 4.76 43.84 -11.16
N TYR A 207 5.59 43.16 -10.35
CA TYR A 207 6.68 43.80 -9.60
C TYR A 207 7.91 42.89 -9.50
N THR A 208 8.90 43.07 -10.39
CA THR A 208 10.14 42.28 -10.41
C THR A 208 11.06 42.73 -9.26
N LEU A 209 11.50 41.80 -8.40
CA LEU A 209 12.37 42.10 -7.24
C LEU A 209 13.63 41.23 -7.19
N LYS A 210 14.81 41.86 -6.97
CA LYS A 210 16.09 41.15 -6.79
C LYS A 210 16.38 41.18 -5.29
N ILE A 211 16.38 40.01 -4.65
CA ILE A 211 16.53 39.88 -3.20
C ILE A 211 17.41 38.69 -2.78
N ASN A 212 17.91 38.68 -1.54
CA ASN A 212 18.70 37.56 -0.99
C ASN A 212 17.84 36.29 -1.05
N HIS A 213 18.42 35.13 -1.44
CA HIS A 213 17.67 33.87 -1.46
C HIS A 213 17.24 33.53 -0.02
N ASP A 214 18.05 33.96 0.94
CA ASP A 214 17.91 33.80 2.39
C ASP A 214 16.72 34.58 2.94
N CYS A 215 16.19 35.57 2.18
CA CYS A 215 15.05 36.41 2.58
C CYS A 215 13.85 35.63 3.06
N VAL A 216 13.44 35.89 4.29
CA VAL A 216 12.27 35.30 4.93
C VAL A 216 11.00 35.90 4.20
N PRO A 217 9.78 35.26 4.19
CA PRO A 217 8.67 35.84 3.42
C PRO A 217 8.32 37.31 3.71
N GLU A 218 8.48 37.75 4.99
CA GLU A 218 8.23 39.14 5.40
C GLU A 218 9.18 40.13 4.69
N GLN A 219 10.46 39.73 4.50
CA GLN A 219 11.51 40.51 3.84
C GLN A 219 11.21 40.70 2.37
N VAL A 220 10.50 39.73 1.76
CA VAL A 220 10.08 39.80 0.36
C VAL A 220 8.95 40.84 0.27
N ILE A 221 8.02 40.79 1.25
CA ILE A 221 6.91 41.75 1.36
C ILE A 221 7.51 43.16 1.53
N ALA A 222 8.48 43.30 2.47
CA ALA A 222 9.20 44.54 2.77
C ALA A 222 9.75 45.20 1.49
N GLU A 223 10.46 44.43 0.65
CA GLU A 223 11.01 44.94 -0.61
C GLU A 223 9.92 45.35 -1.58
N ALA A 224 8.82 44.59 -1.64
CA ALA A 224 7.71 44.92 -2.55
C ALA A 224 7.09 46.25 -2.12
N ILE A 225 6.96 46.49 -0.79
CA ILE A 225 6.46 47.76 -0.25
C ILE A 225 7.39 48.89 -0.71
N ARG A 226 8.72 48.75 -0.46
CA ARG A 226 9.76 49.71 -0.86
C ARG A 226 9.53 50.14 -2.32
N LYS A 227 9.34 49.18 -3.24
CA LYS A 227 9.03 49.48 -4.64
C LYS A 227 7.51 49.77 -4.70
N LYS A 228 7.11 50.91 -4.10
CA LYS A 228 5.74 51.46 -3.96
C LYS A 228 4.85 51.30 -5.20
N TYR A 246 7.71 46.78 8.55
CA TYR A 246 6.92 47.94 8.95
C TYR A 246 5.56 47.52 9.55
N GLN A 247 4.84 46.60 8.82
CA GLN A 247 3.55 46.00 9.18
C GLN A 247 3.26 44.74 8.31
N GLY A 248 3.50 43.56 8.89
CA GLY A 248 3.27 42.27 8.25
C GLY A 248 1.78 41.92 8.20
N LYS A 249 1.03 42.63 7.34
CA LYS A 249 -0.41 42.46 7.18
C LYS A 249 -0.76 41.85 5.80
N TYR A 250 0.25 41.23 5.14
CA TYR A 250 0.12 40.56 3.85
C TYR A 250 0.76 39.18 3.92
N ILE A 251 0.37 38.28 3.00
CA ILE A 251 0.94 36.93 2.88
C ILE A 251 1.25 36.60 1.43
N LEU A 252 2.25 35.73 1.21
CA LEU A 252 2.63 35.34 -0.15
C LEU A 252 2.02 33.99 -0.51
N LYS A 253 1.71 33.81 -1.80
CA LYS A 253 1.09 32.61 -2.37
C LYS A 253 1.72 32.34 -3.75
N VAL A 254 1.74 31.07 -4.21
CA VAL A 254 2.25 30.71 -5.54
C VAL A 254 1.13 30.97 -6.56
N CYS A 255 1.47 31.61 -7.68
CA CYS A 255 0.49 31.85 -8.74
C CYS A 255 0.10 30.56 -9.42
N GLY A 256 -1.21 30.33 -9.53
CA GLY A 256 -1.76 29.15 -10.19
C GLY A 256 -2.12 27.99 -9.30
N CYS A 257 -1.82 28.04 -7.97
CA CYS A 257 -2.16 26.95 -7.04
C CYS A 257 -2.28 27.42 -5.56
N ASP A 258 -2.80 26.55 -4.67
CA ASP A 258 -3.01 26.86 -3.24
C ASP A 258 -1.84 26.51 -2.34
N GLU A 259 -0.68 27.14 -2.58
CA GLU A 259 0.56 26.94 -1.81
C GLU A 259 0.96 28.32 -1.25
N TYR A 260 1.00 28.46 0.10
CA TYR A 260 1.29 29.71 0.81
C TYR A 260 2.59 29.64 1.60
N PHE A 261 3.20 30.83 1.82
CA PHE A 261 4.46 31.06 2.54
C PHE A 261 4.11 31.73 3.86
N LEU A 262 3.49 30.99 4.77
CA LEU A 262 3.01 31.53 6.05
C LEU A 262 4.02 31.46 7.18
N GLU A 263 5.10 30.65 7.03
CA GLU A 263 6.10 30.50 8.07
C GLU A 263 7.45 31.11 7.68
N LYS A 264 8.17 31.61 8.71
CA LYS A 264 9.48 32.25 8.62
C LYS A 264 10.58 31.21 8.28
N TYR A 265 10.67 30.89 6.99
CA TYR A 265 11.65 29.97 6.42
C TYR A 265 12.35 30.79 5.34
N PRO A 266 13.69 30.67 5.11
CA PRO A 266 14.29 31.40 3.98
C PRO A 266 13.55 31.05 2.69
N LEU A 267 13.26 32.06 1.85
CA LEU A 267 12.54 31.88 0.60
C LEU A 267 13.01 30.68 -0.23
N SER A 268 14.35 30.46 -0.33
CA SER A 268 14.97 29.36 -1.10
C SER A 268 14.68 27.97 -0.53
N GLN A 269 14.31 27.88 0.78
CA GLN A 269 13.97 26.62 1.44
C GLN A 269 12.60 26.07 0.95
N TYR A 270 11.70 26.97 0.49
CA TYR A 270 10.40 26.62 -0.06
C TYR A 270 10.60 25.94 -1.38
N LYS A 271 10.14 24.67 -1.47
CA LYS A 271 10.26 23.79 -2.63
C LYS A 271 9.98 24.46 -3.95
N TYR A 272 8.88 25.25 -4.06
CA TYR A 272 8.53 25.98 -5.29
C TYR A 272 9.72 26.87 -5.77
N ILE A 273 10.31 27.66 -4.82
CA ILE A 273 11.45 28.56 -5.08
C ILE A 273 12.72 27.76 -5.46
N ARG A 274 13.04 26.72 -4.65
CA ARG A 274 14.17 25.80 -4.86
C ARG A 274 14.13 25.18 -6.26
N SER A 275 12.91 24.87 -6.75
CA SER A 275 12.69 24.31 -8.09
C SER A 275 12.92 25.35 -9.16
N CYS A 276 12.47 26.60 -8.92
CA CYS A 276 12.61 27.73 -9.83
C CYS A 276 14.09 28.08 -10.11
N ILE A 277 14.95 28.02 -9.09
CA ILE A 277 16.39 28.31 -9.24
C ILE A 277 17.01 27.27 -10.19
N MET A 278 16.91 26.00 -9.80
CA MET A 278 17.43 24.84 -10.50
C MET A 278 16.95 24.76 -11.95
N LEU A 279 15.67 25.09 -12.20
CA LEU A 279 15.12 25.06 -13.56
C LEU A 279 15.39 26.32 -14.37
N GLY A 280 15.87 27.39 -13.70
CA GLY A 280 16.10 28.68 -14.33
C GLY A 280 14.80 29.34 -14.70
N ARG A 281 13.78 29.08 -13.87
CA ARG A 281 12.42 29.54 -14.02
C ARG A 281 12.24 30.78 -13.19
N MET A 282 11.29 31.59 -13.63
CA MET A 282 10.95 32.82 -12.95
C MET A 282 9.92 32.53 -11.84
N PRO A 283 10.27 32.74 -10.55
CA PRO A 283 9.28 32.53 -9.48
C PRO A 283 8.23 33.63 -9.47
N ASN A 284 6.97 33.24 -9.76
CA ASN A 284 5.80 34.13 -9.80
C ASN A 284 4.94 33.96 -8.52
N LEU A 285 5.02 34.96 -7.63
CA LEU A 285 4.26 34.97 -6.38
C LEU A 285 3.13 35.97 -6.42
N MET A 286 2.18 35.82 -5.50
CA MET A 286 1.05 36.71 -5.38
C MET A 286 0.97 37.25 -3.98
N LEU A 287 0.85 38.60 -3.89
CA LEU A 287 0.66 39.28 -2.62
C LEU A 287 -0.84 39.48 -2.39
N MET A 288 -1.31 39.04 -1.22
CA MET A 288 -2.70 39.20 -0.81
C MET A 288 -2.78 39.57 0.67
N ALA A 289 -3.92 40.06 1.14
CA ALA A 289 -4.11 40.45 2.53
C ALA A 289 -4.24 39.25 3.43
N LYS A 290 -3.51 39.29 4.55
CA LYS A 290 -3.53 38.26 5.60
C LYS A 290 -4.98 37.96 6.00
N GLU A 291 -5.85 38.99 6.01
CA GLU A 291 -7.26 38.91 6.38
C GLU A 291 -8.14 38.21 5.32
N SER A 292 -7.86 38.41 4.00
CA SER A 292 -8.64 37.79 2.92
C SER A 292 -8.48 36.25 2.86
N LEU A 293 -7.44 35.71 3.51
CA LEU A 293 -7.19 34.28 3.64
C LEU A 293 -7.74 33.81 4.98
N TYR A 294 -7.44 34.53 6.08
CA TYR A 294 -7.87 34.20 7.45
C TYR A 294 -9.38 34.19 7.63
N SER A 295 -10.11 35.04 6.87
CA SER A 295 -11.58 35.14 6.89
C SER A 295 -12.19 33.89 6.25
N GLN A 296 -11.64 33.47 5.09
CA GLN A 296 -12.06 32.30 4.32
C GLN A 296 -11.77 30.94 5.02
N LEU A 297 -11.12 30.97 6.20
CA LEU A 297 -10.82 29.75 6.97
C LEU A 297 -11.92 29.54 8.01
N PRO A 298 -12.69 28.43 7.95
CA PRO A 298 -13.71 28.18 8.99
C PRO A 298 -13.11 27.57 10.26
N MET A 299 -13.64 27.97 11.44
CA MET A 299 -13.17 27.43 12.72
C MET A 299 -13.67 25.98 12.83
N ASP A 300 -12.72 25.01 12.84
CA ASP A 300 -13.00 23.56 12.92
C ASP A 300 -13.39 23.15 14.33
N CYS A 301 -14.50 22.39 14.45
CA CYS A 301 -14.97 21.98 15.76
C CYS A 301 -15.19 20.49 15.89
N PHE A 302 -14.34 19.86 16.70
CA PHE A 302 -14.40 18.45 17.03
C PHE A 302 -15.43 18.29 18.16
N THR A 303 -16.22 17.20 18.14
CA THR A 303 -17.22 16.91 19.15
C THR A 303 -17.04 15.48 19.63
N MET A 304 -17.15 15.27 20.95
CA MET A 304 -17.01 13.92 21.52
C MET A 304 -18.16 13.05 21.09
N PRO A 305 -17.87 11.94 20.37
CA PRO A 305 -18.94 11.05 19.89
C PRO A 305 -19.67 10.26 20.98
N SER A 306 -20.91 9.80 20.67
CA SER A 306 -21.80 8.97 21.51
C SER A 306 -21.07 7.84 22.21
N TYR A 307 -20.18 7.13 21.46
CA TYR A 307 -19.47 5.97 22.00
C TYR A 307 -18.48 6.32 23.13
N SER A 308 -18.13 7.62 23.29
CA SER A 308 -17.26 8.12 24.36
C SER A 308 -18.09 8.51 25.62
N ARG A 309 -19.40 8.73 25.43
CA ARG A 309 -20.32 9.10 26.50
C ARG A 309 -21.21 7.90 26.91
N ARG A 310 -20.74 6.64 26.75
CA ARG A 310 -21.56 5.48 27.15
C ARG A 310 -20.79 4.39 27.95
N ILE A 311 -21.59 3.62 28.72
CA ILE A 311 -21.26 2.55 29.66
C ILE A 311 -20.91 1.21 28.95
N SER A 312 -20.08 0.37 29.63
CA SER A 312 -19.65 -0.97 29.21
C SER A 312 -19.13 -1.80 30.42
N THR A 313 -18.50 -2.98 30.13
CA THR A 313 -17.87 -3.99 31.02
C THR A 313 -18.91 -4.89 31.75
N ALA A 314 -20.13 -5.02 31.17
CA ALA A 314 -21.24 -5.86 31.66
C ALA A 314 -22.31 -6.05 30.60
N SER A 323 -5.28 -14.64 42.14
CA SER A 323 -6.14 -14.63 40.96
C SER A 323 -5.43 -14.12 39.69
N THR A 324 -4.31 -13.39 39.86
CA THR A 324 -3.45 -12.87 38.80
C THR A 324 -2.00 -13.30 39.05
N LYS A 325 -1.33 -13.86 38.01
CA LYS A 325 0.05 -14.33 38.10
C LYS A 325 0.96 -13.61 37.12
N SER A 326 2.28 -13.60 37.41
CA SER A 326 3.30 -13.07 36.52
C SER A 326 3.67 -14.20 35.55
N LEU A 327 4.21 -13.87 34.37
CA LEU A 327 4.63 -14.86 33.38
C LEU A 327 5.90 -15.58 33.86
N TRP A 328 6.73 -14.83 34.63
CA TRP A 328 8.02 -15.24 35.15
C TRP A 328 7.96 -16.27 36.30
N VAL A 329 6.78 -16.44 36.91
CA VAL A 329 6.58 -17.43 37.97
C VAL A 329 5.96 -18.74 37.42
N ILE A 330 5.71 -18.82 36.09
CA ILE A 330 5.12 -20.03 35.49
C ILE A 330 6.22 -21.02 35.15
N ASN A 331 6.46 -21.99 36.05
CA ASN A 331 7.50 -23.02 35.89
C ASN A 331 6.99 -24.18 35.03
N SER A 332 6.86 -23.92 33.71
CA SER A 332 6.43 -24.89 32.72
C SER A 332 6.91 -24.51 31.31
N ALA A 333 6.90 -25.49 30.39
CA ALA A 333 7.27 -25.31 28.99
C ALA A 333 6.04 -24.81 28.22
N LEU A 334 6.24 -24.42 26.95
CA LEU A 334 5.12 -23.98 26.12
C LEU A 334 4.45 -25.21 25.48
N ARG A 335 3.10 -25.18 25.46
CA ARG A 335 2.23 -26.25 25.02
C ARG A 335 0.94 -25.67 24.42
N ILE A 336 0.58 -26.09 23.19
CA ILE A 336 -0.65 -25.62 22.52
C ILE A 336 -1.38 -26.81 21.92
N LYS A 337 -2.69 -26.92 22.17
CA LYS A 337 -3.47 -28.03 21.67
C LYS A 337 -4.18 -27.66 20.38
N ILE A 338 -3.92 -28.43 19.31
CA ILE A 338 -4.57 -28.27 18.01
C ILE A 338 -5.66 -29.33 18.00
N LEU A 339 -6.91 -28.88 18.16
CA LEU A 339 -8.08 -29.75 18.23
C LEU A 339 -8.51 -30.24 16.86
N CYS A 340 -9.27 -29.43 16.12
CA CYS A 340 -9.75 -29.82 14.81
C CYS A 340 -9.97 -28.60 13.92
N ALA A 341 -10.14 -28.85 12.62
CA ALA A 341 -10.43 -27.87 11.58
C ALA A 341 -11.76 -28.29 10.98
N THR A 342 -12.67 -27.34 10.72
CA THR A 342 -14.01 -27.64 10.17
C THR A 342 -13.90 -28.38 8.87
N TYR A 343 -13.16 -27.80 7.91
CA TYR A 343 -12.95 -28.39 6.60
C TYR A 343 -11.70 -27.81 5.93
N VAL A 344 -11.35 -28.35 4.74
CA VAL A 344 -10.31 -27.90 3.82
C VAL A 344 -10.83 -28.11 2.39
N ASN A 345 -10.38 -27.29 1.42
CA ASN A 345 -10.77 -27.52 0.02
C ASN A 345 -9.57 -28.13 -0.66
N VAL A 346 -9.57 -29.47 -0.81
CA VAL A 346 -8.52 -30.31 -1.42
C VAL A 346 -9.18 -31.42 -2.19
N ASN A 347 -8.57 -31.85 -3.29
CA ASN A 347 -9.01 -32.97 -4.12
C ASN A 347 -8.32 -34.20 -3.53
N ILE A 348 -9.12 -35.11 -2.96
CA ILE A 348 -8.67 -36.33 -2.27
C ILE A 348 -7.90 -37.33 -3.22
N ARG A 349 -8.17 -37.27 -4.55
CA ARG A 349 -7.49 -38.07 -5.57
C ARG A 349 -6.08 -37.51 -5.92
N ASP A 350 -5.72 -36.31 -5.38
CA ASP A 350 -4.44 -35.65 -5.64
C ASP A 350 -3.56 -35.48 -4.40
N ILE A 351 -4.15 -35.51 -3.19
CA ILE A 351 -3.42 -35.31 -1.93
C ILE A 351 -3.59 -36.52 -1.02
N ASP A 352 -2.53 -36.84 -0.24
CA ASP A 352 -2.51 -37.95 0.68
C ASP A 352 -3.02 -37.59 2.08
N LYS A 353 -2.30 -36.72 2.81
CA LYS A 353 -2.72 -36.31 4.16
C LYS A 353 -2.59 -34.77 4.45
N ILE A 354 -3.22 -34.31 5.56
CA ILE A 354 -3.19 -32.90 6.00
C ILE A 354 -2.69 -32.79 7.46
N TYR A 355 -1.98 -31.71 7.76
CA TYR A 355 -1.47 -31.50 9.11
C TYR A 355 -1.45 -30.02 9.46
N VAL A 356 -1.26 -29.74 10.75
CA VAL A 356 -1.16 -28.36 11.19
C VAL A 356 0.31 -28.05 11.50
N ARG A 357 0.89 -27.10 10.71
CA ARG A 357 2.25 -26.63 10.95
C ARG A 357 2.10 -25.41 11.83
N THR A 358 2.93 -25.30 12.85
CA THR A 358 2.90 -24.19 13.80
C THR A 358 4.32 -23.73 14.04
N GLY A 359 4.45 -22.50 14.52
CA GLY A 359 5.72 -21.89 14.87
C GLY A 359 5.57 -20.77 15.88
N ILE A 360 6.53 -20.63 16.76
CA ILE A 360 6.54 -19.53 17.73
C ILE A 360 7.54 -18.50 17.18
N TYR A 361 7.07 -17.27 16.87
CA TYR A 361 7.87 -16.24 16.22
C TYR A 361 7.98 -14.93 16.96
N HIS A 362 9.15 -14.30 16.78
CA HIS A 362 9.42 -12.93 17.20
C HIS A 362 9.89 -12.26 15.89
N GLY A 363 8.98 -11.52 15.27
CA GLY A 363 9.20 -10.94 13.94
C GLY A 363 8.98 -12.02 12.91
N GLY A 364 9.98 -12.24 12.07
CA GLY A 364 9.97 -13.32 11.10
C GLY A 364 11.01 -14.37 11.46
N GLU A 365 11.38 -14.39 12.74
CA GLU A 365 12.40 -15.28 13.29
C GLU A 365 11.77 -16.21 14.30
N PRO A 366 11.81 -17.56 14.09
CA PRO A 366 11.27 -18.47 15.12
C PRO A 366 12.09 -18.38 16.41
N LEU A 367 11.39 -18.45 17.56
CA LEU A 367 11.98 -18.37 18.89
C LEU A 367 12.43 -19.77 19.35
N CYS A 368 11.93 -20.79 18.63
CA CYS A 368 12.24 -22.20 18.80
C CYS A 368 11.84 -22.95 17.50
N ASP A 369 12.20 -24.24 17.35
CA ASP A 369 11.90 -25.02 16.15
C ASP A 369 10.40 -25.18 15.91
N ASN A 370 10.00 -25.26 14.63
CA ASN A 370 8.60 -25.42 14.23
C ASN A 370 8.12 -26.82 14.49
N VAL A 371 6.96 -26.93 15.16
CA VAL A 371 6.34 -28.19 15.54
C VAL A 371 5.14 -28.48 14.66
N ASN A 372 5.05 -29.69 14.10
CA ASN A 372 3.90 -30.14 13.31
C ASN A 372 3.05 -31.13 14.09
N THR A 373 1.75 -31.16 13.81
CA THR A 373 0.84 -32.17 14.35
C THR A 373 1.07 -33.45 13.50
N GLN A 374 0.40 -34.56 13.86
CA GLN A 374 0.45 -35.80 13.09
C GLN A 374 -0.33 -35.59 11.79
N ARG A 375 -0.06 -36.40 10.75
CA ARG A 375 -0.81 -36.30 9.51
C ARG A 375 -2.13 -37.05 9.67
N VAL A 376 -3.24 -36.48 9.19
CA VAL A 376 -4.56 -37.09 9.25
C VAL A 376 -5.16 -37.04 7.85
N PRO A 377 -6.29 -37.73 7.55
CA PRO A 377 -6.86 -37.63 6.19
C PRO A 377 -7.61 -36.31 5.93
N CYS A 378 -7.57 -35.88 4.66
CA CYS A 378 -8.20 -34.68 4.07
C CYS A 378 -9.63 -34.56 4.53
N SER A 379 -10.33 -35.71 4.49
CA SER A 379 -11.74 -35.94 4.78
C SER A 379 -12.12 -35.83 6.26
N ASN A 380 -11.14 -35.84 7.18
CA ASN A 380 -11.41 -35.79 8.62
C ASN A 380 -10.32 -34.98 9.35
N PRO A 381 -10.39 -33.62 9.29
CA PRO A 381 -9.36 -32.80 9.94
C PRO A 381 -9.53 -32.72 11.47
N ARG A 382 -8.96 -33.71 12.19
CA ARG A 382 -8.99 -33.81 13.65
C ARG A 382 -7.64 -34.30 14.18
N TRP A 383 -7.08 -33.58 15.16
CA TRP A 383 -5.77 -33.88 15.73
C TRP A 383 -5.76 -34.13 17.23
N ASN A 384 -6.57 -33.37 18.01
CA ASN A 384 -6.66 -33.39 19.49
C ASN A 384 -5.29 -33.66 20.14
N GLU A 385 -4.27 -32.92 19.65
CA GLU A 385 -2.86 -33.08 19.98
C GLU A 385 -2.25 -31.87 20.64
N TRP A 386 -1.57 -32.09 21.76
CA TRP A 386 -0.80 -31.05 22.42
C TRP A 386 0.55 -31.01 21.70
N LEU A 387 0.96 -29.80 21.27
CA LEU A 387 2.25 -29.59 20.61
C LEU A 387 3.13 -28.95 21.64
N ASN A 388 4.26 -29.57 21.94
CA ASN A 388 5.21 -29.09 22.96
C ASN A 388 6.30 -28.33 22.25
N TYR A 389 6.58 -27.12 22.74
CA TYR A 389 7.60 -26.22 22.16
C TYR A 389 8.79 -26.13 23.08
N ASP A 390 10.00 -26.11 22.50
CA ASP A 390 11.27 -25.96 23.20
C ASP A 390 11.44 -24.51 23.67
N ILE A 391 10.51 -24.04 24.52
CA ILE A 391 10.53 -22.69 25.09
C ILE A 391 9.87 -22.72 26.47
N TYR A 392 10.61 -22.18 27.43
CA TYR A 392 10.24 -22.04 28.82
C TYR A 392 9.34 -20.81 28.90
N ILE A 393 8.08 -20.97 29.33
CA ILE A 393 7.08 -19.89 29.37
C ILE A 393 7.67 -18.52 29.86
N PRO A 394 8.42 -18.39 30.98
CA PRO A 394 9.00 -17.07 31.34
C PRO A 394 9.95 -16.45 30.28
N ASP A 395 10.57 -17.27 29.43
CA ASP A 395 11.49 -16.84 28.36
C ASP A 395 10.76 -16.25 27.10
N LEU A 396 9.41 -16.32 27.07
CA LEU A 396 8.57 -15.76 26.00
C LEU A 396 8.69 -14.22 25.98
N PRO A 397 9.15 -13.62 24.84
CA PRO A 397 9.22 -12.15 24.76
C PRO A 397 7.82 -11.57 24.61
N ARG A 398 7.69 -10.25 24.83
CA ARG A 398 6.43 -9.54 24.79
C ARG A 398 5.73 -9.64 23.41
N ALA A 399 6.50 -9.54 22.30
CA ALA A 399 5.97 -9.59 20.93
C ALA A 399 5.91 -11.00 20.31
N ALA A 400 5.89 -12.06 21.13
CA ALA A 400 5.80 -13.47 20.69
C ALA A 400 4.44 -13.78 20.06
N ARG A 401 4.47 -14.56 18.95
CA ARG A 401 3.27 -14.93 18.22
C ARG A 401 3.23 -16.40 17.79
N LEU A 402 2.01 -16.94 17.68
CA LEU A 402 1.79 -18.30 17.19
C LEU A 402 1.38 -18.17 15.72
N CYS A 403 2.30 -18.54 14.83
CA CYS A 403 2.04 -18.53 13.38
C CYS A 403 1.74 -19.98 13.06
N LEU A 404 0.66 -20.23 12.34
CA LEU A 404 0.24 -21.56 11.98
C LEU A 404 -0.36 -21.63 10.59
N SER A 405 -0.59 -22.88 10.12
CA SER A 405 -1.20 -23.20 8.84
C SER A 405 -1.63 -24.65 8.80
N ILE A 406 -2.62 -24.95 7.95
CA ILE A 406 -3.04 -26.31 7.61
C ILE A 406 -2.31 -26.54 6.27
N CYS A 407 -1.44 -27.56 6.19
CA CYS A 407 -0.74 -27.96 4.95
C CYS A 407 -1.26 -29.29 4.40
N SER A 408 -1.03 -29.52 3.11
CA SER A 408 -1.31 -30.75 2.39
C SER A 408 0.04 -31.40 2.10
N VAL A 409 0.07 -32.75 2.04
CA VAL A 409 1.28 -33.51 1.73
C VAL A 409 0.94 -34.63 0.77
N LYS A 410 1.63 -34.64 -0.36
CA LYS A 410 1.48 -35.58 -1.47
C LYS A 410 2.84 -36.28 -1.67
N GLY A 411 2.92 -37.56 -1.35
CA GLY A 411 4.14 -38.36 -1.49
C GLY A 411 4.03 -39.33 -2.66
N ARG A 412 3.84 -38.78 -3.88
CA ARG A 412 3.65 -39.54 -5.12
C ARG A 412 4.93 -40.13 -5.73
N LYS A 413 5.90 -39.27 -6.16
CA LYS A 413 7.13 -39.67 -6.84
C LYS A 413 8.31 -39.90 -5.90
N GLY A 414 9.12 -40.92 -6.23
CA GLY A 414 10.28 -41.34 -5.46
C GLY A 414 9.98 -41.45 -3.97
N ALA A 415 10.89 -40.93 -3.15
CA ALA A 415 10.70 -40.83 -1.71
C ALA A 415 10.48 -39.33 -1.42
N LYS A 416 10.01 -38.60 -2.47
CA LYS A 416 9.80 -37.16 -2.49
C LYS A 416 8.36 -36.77 -2.18
N GLU A 417 8.20 -35.80 -1.28
CA GLU A 417 6.87 -35.31 -0.93
C GLU A 417 6.76 -33.79 -1.04
N GLU A 418 5.70 -33.35 -1.75
CA GLU A 418 5.37 -31.94 -1.96
C GLU A 418 4.40 -31.49 -0.85
N HIS A 419 4.82 -30.43 -0.10
CA HIS A 419 4.07 -29.80 0.98
C HIS A 419 3.60 -28.43 0.49
N CYS A 420 2.31 -28.17 0.58
N CYS A 420 2.28 -28.20 0.52
CA CYS A 420 1.75 -26.90 0.20
CA CYS A 420 1.59 -26.97 0.05
C CYS A 420 0.76 -26.38 1.23
C CYS A 420 0.71 -26.40 1.19
N PRO A 421 0.82 -25.08 1.58
CA PRO A 421 -0.10 -24.54 2.60
C PRO A 421 -1.49 -24.32 2.02
N LEU A 422 -2.53 -24.47 2.83
CA LEU A 422 -3.91 -24.38 2.38
C LEU A 422 -4.64 -23.13 2.92
N ALA A 423 -4.26 -22.75 4.12
CA ALA A 423 -4.83 -21.66 4.87
C ALA A 423 -3.88 -21.42 6.05
N TRP A 424 -3.73 -20.16 6.42
CA TRP A 424 -2.81 -19.76 7.46
C TRP A 424 -3.53 -18.86 8.47
N GLY A 425 -2.87 -18.61 9.59
CA GLY A 425 -3.37 -17.75 10.65
C GLY A 425 -2.29 -17.45 11.67
N ASN A 426 -2.30 -16.24 12.21
CA ASN A 426 -1.32 -15.82 13.21
C ASN A 426 -2.08 -15.26 14.40
N ILE A 427 -1.55 -15.48 15.62
CA ILE A 427 -2.17 -15.06 16.89
C ILE A 427 -1.11 -14.42 17.79
N ASN A 428 -1.41 -13.28 18.40
CA ASN A 428 -0.51 -12.69 19.40
C ASN A 428 -0.67 -13.53 20.70
N LEU A 429 0.44 -14.09 21.27
CA LEU A 429 0.35 -14.94 22.48
C LEU A 429 -0.10 -14.15 23.74
N PHE A 430 0.11 -12.82 23.76
CA PHE A 430 -0.35 -11.87 24.77
C PHE A 430 -1.28 -10.87 24.06
N ASP A 431 -2.31 -10.38 24.74
CA ASP A 431 -3.27 -9.42 24.16
C ASP A 431 -2.85 -7.97 24.47
N TYR A 432 -3.65 -6.99 24.01
CA TYR A 432 -3.32 -5.57 24.19
C TYR A 432 -3.14 -5.16 25.65
N THR A 433 -3.76 -5.92 26.60
CA THR A 433 -3.69 -5.66 28.05
C THR A 433 -2.52 -6.41 28.75
N ASP A 434 -1.68 -7.12 27.96
CA ASP A 434 -0.47 -7.88 28.35
C ASP A 434 -0.80 -9.25 28.92
N THR A 435 -2.03 -9.74 28.70
CA THR A 435 -2.53 -11.01 29.22
C THR A 435 -2.16 -12.19 28.34
N LEU A 436 -1.48 -13.19 28.90
CA LEU A 436 -1.17 -14.42 28.18
C LEU A 436 -2.49 -15.10 27.83
N VAL A 437 -2.59 -15.57 26.59
CA VAL A 437 -3.74 -16.25 26.04
C VAL A 437 -3.97 -17.59 26.75
N SER A 438 -5.24 -17.85 27.13
CA SER A 438 -5.63 -19.07 27.83
C SER A 438 -6.97 -19.59 27.35
N GLY A 439 -7.20 -20.88 27.51
CA GLY A 439 -8.47 -21.50 27.16
C GLY A 439 -8.65 -21.84 25.71
N LYS A 440 -9.90 -22.21 25.34
CA LYS A 440 -10.28 -22.61 23.99
C LYS A 440 -10.41 -21.41 23.06
N MET A 441 -9.77 -21.50 21.87
CA MET A 441 -9.81 -20.44 20.87
C MET A 441 -10.13 -20.99 19.47
N ALA A 442 -11.11 -20.39 18.79
CA ALA A 442 -11.49 -20.73 17.42
C ALA A 442 -10.88 -19.67 16.49
N LEU A 443 -10.27 -20.10 15.37
CA LEU A 443 -9.63 -19.15 14.44
C LEU A 443 -9.96 -19.49 13.01
N ASN A 444 -10.60 -18.53 12.32
CA ASN A 444 -10.93 -18.63 10.90
C ASN A 444 -9.68 -18.27 10.13
N LEU A 445 -9.26 -19.20 9.26
CA LEU A 445 -8.01 -19.09 8.52
C LEU A 445 -8.14 -18.33 7.20
N TRP A 446 -7.02 -17.73 6.79
CA TRP A 446 -6.95 -16.88 5.59
C TRP A 446 -6.42 -17.60 4.35
N PRO A 447 -6.86 -17.18 3.14
CA PRO A 447 -6.31 -17.76 1.89
C PRO A 447 -4.80 -17.48 1.75
N VAL A 448 -4.07 -18.42 1.14
CA VAL A 448 -2.62 -18.25 1.00
C VAL A 448 -2.36 -17.18 -0.06
N PRO A 449 -1.60 -16.13 0.28
CA PRO A 449 -1.33 -15.08 -0.73
C PRO A 449 -0.54 -15.61 -1.94
N HIS A 450 -0.99 -15.22 -3.16
CA HIS A 450 -0.44 -15.57 -4.47
C HIS A 450 1.10 -15.43 -4.48
N GLY A 451 1.77 -16.51 -4.88
CA GLY A 451 3.23 -16.55 -4.93
C GLY A 451 3.91 -17.03 -3.64
N LEU A 452 3.19 -17.07 -2.50
CA LEU A 452 3.78 -17.56 -1.25
C LEU A 452 3.80 -19.07 -1.26
N GLU A 453 4.99 -19.62 -1.12
CA GLU A 453 5.27 -21.05 -1.18
C GLU A 453 5.74 -21.62 0.17
N ASP A 454 6.10 -20.73 1.12
CA ASP A 454 6.50 -21.07 2.46
C ASP A 454 5.31 -21.73 3.15
N LEU A 455 5.55 -22.61 4.12
CA LEU A 455 4.42 -23.25 4.78
C LEU A 455 3.74 -22.34 5.80
N LEU A 456 4.48 -21.37 6.37
CA LEU A 456 3.89 -20.41 7.30
C LEU A 456 3.97 -19.00 6.69
N ASN A 457 3.10 -18.09 7.18
CA ASN A 457 3.06 -16.69 6.76
C ASN A 457 3.31 -15.80 7.99
N PRO A 458 4.53 -15.82 8.59
CA PRO A 458 4.74 -15.01 9.80
C PRO A 458 4.65 -13.49 9.61
N ILE A 459 4.64 -13.01 8.35
CA ILE A 459 4.56 -11.60 7.99
C ILE A 459 3.09 -11.18 7.79
N GLY A 460 2.17 -12.13 7.81
CA GLY A 460 0.75 -11.82 7.69
C GLY A 460 0.15 -11.31 8.98
N VAL A 461 -1.02 -10.66 8.89
CA VAL A 461 -1.73 -10.06 10.05
C VAL A 461 -2.11 -11.09 11.13
N THR A 462 -2.32 -10.62 12.36
CA THR A 462 -2.78 -11.49 13.44
C THR A 462 -4.31 -11.38 13.52
N GLY A 463 -4.95 -12.36 14.15
CA GLY A 463 -6.40 -12.38 14.28
C GLY A 463 -7.15 -13.26 13.31
N SER A 464 -8.39 -13.58 13.68
CA SER A 464 -9.32 -14.41 12.95
C SER A 464 -9.78 -13.73 11.65
N ASN A 465 -10.16 -14.54 10.66
CA ASN A 465 -10.66 -14.02 9.40
C ASN A 465 -12.11 -13.57 9.62
N PRO A 466 -12.50 -12.32 9.24
CA PRO A 466 -13.89 -11.91 9.49
C PRO A 466 -14.92 -12.72 8.70
N ASN A 467 -14.49 -13.31 7.54
CA ASN A 467 -15.32 -14.22 6.73
C ASN A 467 -15.39 -15.54 7.51
N LYS A 468 -16.58 -15.88 8.02
CA LYS A 468 -16.76 -17.07 8.85
C LYS A 468 -17.06 -18.33 8.02
N GLU A 469 -17.22 -18.15 6.69
CA GLU A 469 -17.44 -19.23 5.70
C GLU A 469 -16.06 -19.65 5.13
N THR A 470 -15.09 -19.86 6.04
CA THR A 470 -13.70 -20.22 5.76
C THR A 470 -13.27 -21.40 6.68
N PRO A 471 -12.12 -22.09 6.47
CA PRO A 471 -11.72 -23.13 7.45
C PRO A 471 -11.50 -22.53 8.83
N CYS A 472 -12.19 -23.09 9.82
CA CYS A 472 -12.08 -22.68 11.21
C CYS A 472 -11.31 -23.73 12.01
N LEU A 473 -10.19 -23.31 12.62
CA LEU A 473 -9.33 -24.18 13.41
C LEU A 473 -9.59 -23.98 14.89
N GLU A 474 -10.00 -25.04 15.59
CA GLU A 474 -10.22 -25.02 17.05
C GLU A 474 -8.89 -25.29 17.74
N LEU A 475 -8.55 -24.45 18.72
CA LEU A 475 -7.32 -24.48 19.50
C LEU A 475 -7.63 -24.46 21.00
N GLU A 476 -6.58 -24.67 21.82
CA GLU A 476 -6.67 -24.68 23.27
C GLU A 476 -5.29 -24.43 23.87
N PHE A 477 -5.16 -23.32 24.59
CA PHE A 477 -3.94 -22.92 25.27
C PHE A 477 -3.97 -23.42 26.72
N ASP A 478 -2.80 -23.47 27.40
CA ASP A 478 -2.69 -23.90 28.80
C ASP A 478 -3.39 -22.94 29.76
N TRP A 479 -3.93 -23.48 30.85
CA TRP A 479 -4.58 -22.72 31.92
C TRP A 479 -3.69 -22.88 33.16
N PHE A 480 -3.42 -21.77 33.85
CA PHE A 480 -2.56 -21.78 35.04
C PHE A 480 -3.33 -21.33 36.29
N SER A 481 -4.59 -21.84 36.43
CA SER A 481 -5.53 -21.58 37.54
C SER A 481 -5.79 -20.08 37.79
N SER A 482 -5.25 -19.23 36.91
CA SER A 482 -5.25 -17.79 37.04
C SER A 482 -5.05 -17.11 35.67
N VAL A 483 -5.16 -15.77 35.66
CA VAL A 483 -4.95 -14.83 34.56
C VAL A 483 -3.45 -14.52 34.60
N VAL A 484 -2.71 -14.90 33.56
CA VAL A 484 -1.26 -14.65 33.48
C VAL A 484 -1.01 -13.32 32.76
N LYS A 485 -0.25 -12.42 33.40
CA LYS A 485 0.08 -11.11 32.87
C LYS A 485 1.58 -10.97 32.72
N PHE A 486 2.00 -10.29 31.66
CA PHE A 486 3.40 -10.06 31.37
C PHE A 486 3.93 -9.13 32.45
N PRO A 487 5.15 -9.41 33.00
CA PRO A 487 5.70 -8.57 34.09
C PRO A 487 5.78 -7.08 33.82
N ASP A 488 5.64 -6.27 34.90
CA ASP A 488 5.74 -4.80 34.87
C ASP A 488 7.18 -4.40 34.54
N MET A 489 7.38 -3.20 33.94
CA MET A 489 8.69 -2.68 33.56
C MET A 489 9.67 -2.53 34.75
N SER A 490 9.15 -2.24 35.97
CA SER A 490 9.96 -2.13 37.20
C SER A 490 10.63 -3.49 37.51
N VAL A 491 9.86 -4.58 37.38
CA VAL A 491 10.29 -5.95 37.62
C VAL A 491 11.37 -6.35 36.60
N ILE A 492 11.13 -6.05 35.31
CA ILE A 492 12.04 -6.39 34.20
C ILE A 492 13.41 -5.72 34.42
N GLU A 493 13.46 -4.54 35.10
CA GLU A 493 14.72 -3.85 35.43
C GLU A 493 15.44 -4.60 36.57
N GLU A 494 15.83 -5.85 36.27
CA GLU A 494 16.57 -6.76 37.13
C GLU A 494 18.05 -6.64 36.76
N HIS A 495 18.89 -6.34 37.75
CA HIS A 495 20.32 -6.20 37.50
C HIS A 495 21.07 -7.56 37.54
N ALA A 496 20.35 -8.66 37.88
CA ALA A 496 20.87 -10.03 37.99
C ALA A 496 21.73 -10.51 36.81
N GLU A 525 40.26 -1.45 21.17
CA GLU A 525 40.98 -0.62 20.21
C GLU A 525 40.79 -1.18 18.78
N ASN A 526 41.13 -2.46 18.59
CA ASN A 526 40.97 -3.21 17.33
C ASN A 526 39.49 -3.49 17.11
N ASP A 527 38.76 -3.67 18.24
CA ASP A 527 37.33 -3.95 18.31
C ASP A 527 36.47 -2.71 18.07
N LYS A 528 37.00 -1.49 18.38
CA LYS A 528 36.31 -0.20 18.15
C LYS A 528 36.09 0.02 16.65
N GLU A 529 37.09 -0.37 15.82
CA GLU A 529 37.04 -0.25 14.35
C GLU A 529 36.19 -1.37 13.71
N GLN A 530 36.10 -2.56 14.36
CA GLN A 530 35.27 -3.67 13.87
C GLN A 530 33.79 -3.30 14.04
N LEU A 531 33.45 -2.69 15.20
CA LEU A 531 32.11 -2.23 15.51
C LEU A 531 31.61 -1.20 14.48
N LYS A 532 32.45 -0.19 14.14
CA LYS A 532 32.12 0.85 13.14
C LYS A 532 31.83 0.21 11.78
N ALA A 533 32.66 -0.79 11.39
CA ALA A 533 32.55 -1.55 10.14
C ALA A 533 31.23 -2.33 10.03
N ILE A 534 30.76 -2.91 11.17
CA ILE A 534 29.49 -3.66 11.27
C ILE A 534 28.29 -2.68 11.14
N SER A 535 28.38 -1.49 11.79
CA SER A 535 27.35 -0.44 11.78
C SER A 535 27.17 0.25 10.41
N THR A 536 28.22 0.24 9.54
CA THR A 536 28.15 0.83 8.20
C THR A 536 27.42 -0.12 7.24
N ARG A 537 27.46 -1.43 7.54
CA ARG A 537 26.84 -2.47 6.73
C ARG A 537 25.31 -2.29 6.58
N ASP A 538 24.74 -2.79 5.46
CA ASP A 538 23.32 -2.63 5.14
C ASP A 538 22.40 -3.50 6.03
N PRO A 539 21.09 -3.19 6.14
CA PRO A 539 20.19 -3.98 7.03
C PRO A 539 20.08 -5.48 6.77
N LEU A 540 20.33 -5.88 5.53
CA LEU A 540 20.21 -7.27 5.11
C LEU A 540 21.59 -7.92 4.93
N SER A 541 22.66 -7.31 5.50
CA SER A 541 24.00 -7.88 5.40
C SER A 541 24.06 -9.10 6.29
N GLU A 542 24.87 -10.09 5.90
CA GLU A 542 25.02 -11.30 6.71
C GLU A 542 25.75 -10.94 8.02
N ILE A 543 25.17 -11.37 9.14
CA ILE A 543 25.75 -11.21 10.46
C ILE A 543 25.99 -12.62 11.00
N THR A 544 27.26 -12.95 11.28
CA THR A 544 27.66 -14.26 11.77
C THR A 544 27.36 -14.40 13.24
N GLU A 545 27.29 -15.66 13.73
CA GLU A 545 27.10 -15.97 15.16
C GLU A 545 28.25 -15.38 15.99
N GLN A 546 29.44 -15.31 15.39
CA GLN A 546 30.64 -14.74 16.00
C GLN A 546 30.42 -13.26 16.22
N GLU A 547 29.97 -12.54 15.17
CA GLU A 547 29.68 -11.10 15.23
C GLU A 547 28.53 -10.83 16.16
N LYS A 548 27.56 -11.76 16.24
CA LYS A 548 26.43 -11.62 17.18
C LYS A 548 26.99 -11.56 18.60
N ASP A 549 27.70 -12.65 19.02
CA ASP A 549 28.38 -12.85 20.30
C ASP A 549 29.32 -11.68 20.64
N PHE A 550 29.98 -11.12 19.62
CA PHE A 550 30.88 -9.96 19.74
C PHE A 550 30.06 -8.69 20.03
N LEU A 551 29.01 -8.40 19.23
CA LEU A 551 28.13 -7.24 19.43
C LEU A 551 27.46 -7.31 20.79
N TRP A 552 27.00 -8.53 21.18
CA TRP A 552 26.34 -8.75 22.45
C TRP A 552 27.25 -8.50 23.62
N SER A 553 28.53 -8.93 23.53
CA SER A 553 29.55 -8.73 24.57
C SER A 553 29.90 -7.25 24.74
N HIS A 554 29.97 -6.51 23.62
CA HIS A 554 30.32 -5.10 23.58
C HIS A 554 29.11 -4.17 23.64
N ARG A 555 27.90 -4.71 23.95
CA ARG A 555 26.63 -3.97 24.04
C ARG A 555 26.71 -2.63 24.78
N HIS A 556 27.65 -2.49 25.73
CA HIS A 556 27.81 -1.25 26.49
C HIS A 556 28.68 -0.23 25.76
N TYR A 557 29.71 -0.67 25.01
CA TYR A 557 30.49 0.30 24.22
C TYR A 557 29.68 0.69 22.98
N CYS A 558 28.71 -0.17 22.55
CA CYS A 558 27.82 0.05 21.39
C CYS A 558 27.14 1.42 21.38
N VAL A 559 26.86 1.99 22.58
CA VAL A 559 26.22 3.30 22.79
C VAL A 559 27.03 4.47 22.14
N THR A 560 28.35 4.29 21.95
CA THR A 560 29.22 5.31 21.32
C THR A 560 28.91 5.49 19.84
N ILE A 561 28.38 4.42 19.18
CA ILE A 561 27.96 4.35 17.77
C ILE A 561 26.46 3.99 17.83
N PRO A 562 25.56 4.97 18.13
CA PRO A 562 24.12 4.62 18.30
C PRO A 562 23.45 3.90 17.13
N GLU A 563 23.86 4.25 15.89
CA GLU A 563 23.39 3.69 14.62
C GLU A 563 23.58 2.16 14.48
N ILE A 564 24.21 1.49 15.46
CA ILE A 564 24.43 0.05 15.45
C ILE A 564 23.25 -0.69 16.12
N LEU A 565 22.33 0.07 16.76
CA LEU A 565 21.19 -0.50 17.47
C LEU A 565 20.45 -1.62 16.66
N PRO A 566 20.12 -1.50 15.34
CA PRO A 566 19.45 -2.62 14.65
C PRO A 566 20.35 -3.86 14.58
N LYS A 567 21.67 -3.65 14.37
CA LYS A 567 22.62 -4.77 14.33
C LYS A 567 22.72 -5.47 15.71
N LEU A 568 22.73 -4.68 16.81
CA LEU A 568 22.72 -5.18 18.18
C LEU A 568 21.42 -5.90 18.56
N LEU A 569 20.24 -5.33 18.22
CA LEU A 569 18.93 -5.94 18.51
C LEU A 569 18.76 -7.35 17.89
N LEU A 570 19.37 -7.58 16.71
CA LEU A 570 19.37 -8.86 16.01
C LEU A 570 20.41 -9.85 16.58
N SER A 571 21.34 -9.36 17.44
CA SER A 571 22.34 -10.18 18.13
C SER A 571 21.81 -10.73 19.50
N VAL A 572 20.61 -10.28 19.92
CA VAL A 572 19.95 -10.63 21.18
C VAL A 572 19.23 -11.94 21.00
N LYS A 573 19.28 -12.82 22.03
CA LYS A 573 18.50 -14.06 22.05
C LYS A 573 17.15 -13.64 22.67
N TRP A 574 16.12 -13.46 21.82
CA TRP A 574 14.78 -13.00 22.23
C TRP A 574 14.02 -14.08 22.97
N ASN A 575 14.52 -15.35 22.88
CA ASN A 575 13.99 -16.54 23.57
C ASN A 575 14.65 -16.77 24.96
N SER A 576 15.14 -15.68 25.58
CA SER A 576 15.85 -15.61 26.85
C SER A 576 15.49 -14.30 27.57
N ARG A 577 14.67 -14.39 28.65
CA ARG A 577 14.25 -13.24 29.45
C ARG A 577 15.45 -12.55 30.11
N ASP A 578 16.57 -13.29 30.24
CA ASP A 578 17.84 -12.83 30.78
C ASP A 578 18.43 -11.76 29.86
N GLU A 579 18.60 -12.07 28.57
CA GLU A 579 19.14 -11.15 27.56
C GLU A 579 18.23 -9.95 27.22
N VAL A 580 16.91 -10.17 27.14
CA VAL A 580 15.94 -9.15 26.75
C VAL A 580 15.82 -8.08 27.84
N ALA A 581 15.79 -8.50 29.12
CA ALA A 581 15.71 -7.59 30.28
C ALA A 581 16.82 -6.57 30.22
N GLN A 582 18.00 -7.00 29.79
CA GLN A 582 19.22 -6.20 29.68
C GLN A 582 19.13 -5.28 28.50
N MET A 583 18.59 -5.80 27.37
CA MET A 583 18.39 -5.05 26.13
C MET A 583 17.45 -3.87 26.40
N TYR A 584 16.35 -4.13 27.13
CA TYR A 584 15.33 -3.17 27.54
C TYR A 584 15.93 -1.96 28.27
N CYS A 585 16.93 -2.20 29.14
CA CYS A 585 17.62 -1.16 29.91
C CYS A 585 18.49 -0.32 29.02
N LEU A 586 19.04 -0.92 27.97
CA LEU A 586 19.89 -0.21 27.01
C LEU A 586 19.09 0.76 26.11
N VAL A 587 17.92 0.30 25.57
CA VAL A 587 17.10 1.13 24.67
C VAL A 587 16.48 2.32 25.43
N LYS A 588 16.13 2.11 26.73
CA LYS A 588 15.59 3.15 27.64
C LYS A 588 16.53 4.36 27.71
N ASP A 589 17.83 4.10 27.86
CA ASP A 589 18.87 5.13 27.94
C ASP A 589 19.75 5.12 26.67
N TRP A 590 19.16 4.81 25.50
CA TRP A 590 19.89 4.79 24.24
C TRP A 590 19.85 6.17 23.60
N PRO A 591 20.96 6.68 23.01
CA PRO A 591 20.91 7.99 22.35
C PRO A 591 20.01 7.96 21.09
N PRO A 592 19.40 9.08 20.64
CA PRO A 592 18.55 8.99 19.44
C PRO A 592 19.33 8.77 18.16
N ILE A 593 18.69 8.14 17.19
CA ILE A 593 19.25 7.86 15.87
C ILE A 593 18.44 8.67 14.83
N LYS A 594 18.98 8.84 13.60
CA LYS A 594 18.35 9.59 12.51
C LYS A 594 17.01 8.96 12.09
N PRO A 595 16.01 9.76 11.66
CA PRO A 595 14.72 9.16 11.26
C PRO A 595 14.81 8.08 10.19
N GLU A 596 15.77 8.18 9.25
CA GLU A 596 16.00 7.21 8.17
C GLU A 596 16.55 5.88 8.68
N GLN A 597 17.12 5.89 9.91
CA GLN A 597 17.68 4.71 10.58
C GLN A 597 16.62 4.11 11.50
N ALA A 598 15.91 4.97 12.24
CA ALA A 598 14.83 4.62 13.17
C ALA A 598 13.70 3.87 12.44
N MET A 599 13.43 4.22 11.16
CA MET A 599 12.39 3.56 10.36
C MET A 599 12.58 2.09 10.19
N GLU A 600 13.84 1.61 10.17
CA GLU A 600 14.14 0.19 10.07
C GLU A 600 13.53 -0.55 11.24
N LEU A 601 13.57 0.08 12.42
CA LEU A 601 13.07 -0.48 13.68
C LEU A 601 11.54 -0.57 13.75
N LEU A 602 10.85 -0.16 12.68
CA LEU A 602 9.40 -0.20 12.57
C LEU A 602 8.97 -1.26 11.56
N ASP A 603 9.94 -1.92 10.89
CA ASP A 603 9.65 -2.99 9.93
C ASP A 603 9.34 -4.31 10.64
N CYS A 604 9.03 -5.37 9.89
CA CYS A 604 8.66 -6.70 10.42
C CYS A 604 9.79 -7.42 11.18
N ASN A 605 11.02 -6.92 11.11
CA ASN A 605 12.12 -7.53 11.85
C ASN A 605 12.17 -7.10 13.33
N TYR A 606 11.55 -5.95 13.68
CA TYR A 606 11.58 -5.40 15.01
C TYR A 606 10.20 -5.31 15.62
N PRO A 607 9.65 -6.43 16.14
CA PRO A 607 8.29 -6.37 16.73
C PRO A 607 8.22 -5.84 18.18
N ASP A 608 9.35 -5.79 18.90
CA ASP A 608 9.35 -5.39 20.30
C ASP A 608 8.79 -3.95 20.59
N PRO A 609 7.80 -3.86 21.53
CA PRO A 609 7.19 -2.53 21.84
C PRO A 609 8.13 -1.44 22.37
N MET A 610 9.20 -1.81 23.08
CA MET A 610 10.19 -0.86 23.58
C MET A 610 11.05 -0.34 22.42
N VAL A 611 11.47 -1.24 21.51
CA VAL A 611 12.24 -0.95 20.29
C VAL A 611 11.46 0.00 19.38
N ARG A 612 10.18 -0.35 19.10
CA ARG A 612 9.26 0.43 18.25
C ARG A 612 8.94 1.76 18.91
N GLY A 613 8.79 1.73 20.23
CA GLY A 613 8.56 2.93 21.03
C GLY A 613 9.72 3.87 20.91
N PHE A 614 10.95 3.34 21.03
CA PHE A 614 12.16 4.12 20.83
C PHE A 614 12.17 4.73 19.44
N ALA A 615 11.82 3.95 18.41
CA ALA A 615 11.82 4.41 17.02
C ALA A 615 10.87 5.56 16.76
N VAL A 616 9.65 5.52 17.37
CA VAL A 616 8.59 6.54 17.24
C VAL A 616 9.05 7.88 17.84
N ARG A 617 9.81 7.82 18.96
CA ARG A 617 10.36 9.00 19.63
C ARG A 617 11.42 9.72 18.80
N CYS A 618 12.19 8.96 18.01
CA CYS A 618 13.18 9.55 17.09
C CYS A 618 12.43 10.33 16.01
N LEU A 619 11.27 9.81 15.57
CA LEU A 619 10.46 10.45 14.52
C LEU A 619 9.80 11.68 15.10
N GLU A 620 9.24 11.56 16.32
CA GLU A 620 8.62 12.69 17.04
C GLU A 620 9.58 13.89 17.16
N LYS A 621 10.88 13.63 17.37
CA LYS A 621 11.83 14.72 17.57
C LYS A 621 12.63 15.12 16.35
N TYR A 622 12.97 14.18 15.45
CA TYR A 622 13.86 14.49 14.34
C TYR A 622 13.26 14.45 12.93
N LEU A 623 12.10 13.81 12.72
CA LEU A 623 11.48 13.68 11.38
C LEU A 623 10.66 14.90 10.97
N THR A 624 11.15 15.58 9.93
CA THR A 624 10.53 16.76 9.33
C THR A 624 9.31 16.33 8.51
N ASP A 625 8.31 17.23 8.43
CA ASP A 625 7.06 17.04 7.69
C ASP A 625 7.30 16.72 6.22
N ASP A 626 8.39 17.29 5.65
CA ASP A 626 8.83 17.02 4.28
C ASP A 626 9.10 15.48 4.13
N LYS A 627 9.84 14.89 5.11
CA LYS A 627 10.21 13.49 5.10
C LYS A 627 9.09 12.58 5.51
N LEU A 628 8.18 13.06 6.36
CA LEU A 628 7.01 12.27 6.77
C LEU A 628 6.13 12.14 5.51
N SER A 629 5.89 13.25 4.81
CA SER A 629 5.19 13.25 3.52
C SER A 629 5.89 12.34 2.51
N GLN A 630 7.22 12.41 2.43
CA GLN A 630 8.01 11.60 1.49
C GLN A 630 7.94 10.10 1.77
N TYR A 631 7.90 9.70 3.05
CA TYR A 631 7.90 8.29 3.44
C TYR A 631 6.57 7.75 3.96
N LEU A 632 5.49 8.54 3.87
CA LEU A 632 4.15 8.18 4.37
C LEU A 632 3.64 6.84 3.86
N ILE A 633 3.91 6.51 2.59
CA ILE A 633 3.53 5.21 2.02
C ILE A 633 4.05 4.12 2.96
N GLN A 634 5.37 4.13 3.27
CA GLN A 634 6.00 3.11 4.16
C GLN A 634 5.48 3.17 5.59
N LEU A 635 5.32 4.37 6.15
CA LEU A 635 4.82 4.55 7.53
C LEU A 635 3.41 4.00 7.73
N VAL A 636 2.56 4.09 6.70
CA VAL A 636 1.19 3.55 6.70
C VAL A 636 1.27 2.00 6.61
N GLN A 637 2.18 1.46 5.79
CA GLN A 637 2.33 0.01 5.62
C GLN A 637 2.79 -0.71 6.84
N VAL A 638 3.76 -0.16 7.57
CA VAL A 638 4.31 -0.80 8.76
C VAL A 638 3.25 -0.92 9.89
N LEU A 639 2.13 -0.14 9.81
CA LEU A 639 0.99 -0.19 10.74
C LEU A 639 0.33 -1.55 10.75
N LYS A 640 0.43 -2.28 9.63
CA LYS A 640 -0.10 -3.64 9.49
C LYS A 640 0.75 -4.63 10.32
N TYR A 641 2.02 -4.29 10.61
CA TYR A 641 2.93 -5.16 11.40
C TYR A 641 2.62 -5.02 12.89
N GLU A 642 2.03 -3.88 13.29
CA GLU A 642 1.68 -3.62 14.68
C GLU A 642 0.80 -4.70 15.24
N GLN A 643 1.25 -5.29 16.36
CA GLN A 643 0.52 -6.33 17.08
C GLN A 643 -0.89 -5.86 17.50
N TYR A 644 -1.04 -4.56 17.90
CA TYR A 644 -2.31 -4.00 18.42
C TYR A 644 -2.80 -2.75 17.70
N LEU A 645 -4.09 -2.45 17.87
CA LEU A 645 -4.72 -1.26 17.31
C LEU A 645 -4.16 -0.01 17.94
N ASP A 646 -3.99 -0.03 19.28
CA ASP A 646 -3.43 1.14 20.01
C ASP A 646 -1.94 0.96 20.19
N ASN A 647 -1.19 1.85 19.58
CA ASN A 647 0.26 1.84 19.65
C ASN A 647 0.77 3.23 19.46
N LEU A 648 2.06 3.42 19.74
CA LEU A 648 2.74 4.71 19.62
C LEU A 648 2.84 5.21 18.18
N LEU A 649 2.93 4.27 17.20
CA LEU A 649 3.03 4.65 15.77
C LEU A 649 1.75 5.28 15.24
N VAL A 650 0.63 4.59 15.42
CA VAL A 650 -0.69 5.04 14.94
C VAL A 650 -1.07 6.41 15.55
N ARG A 651 -0.78 6.62 16.85
CA ARG A 651 -1.04 7.87 17.58
C ARG A 651 -0.21 9.03 17.00
N PHE A 652 1.10 8.78 16.71
CA PHE A 652 2.02 9.76 16.13
C PHE A 652 1.55 10.20 14.74
N LEU A 653 1.23 9.22 13.87
CA LEU A 653 0.79 9.44 12.49
C LEU A 653 -0.54 10.21 12.40
N LEU A 654 -1.49 9.88 13.32
CA LEU A 654 -2.79 10.54 13.41
C LEU A 654 -2.58 11.95 13.86
N LYS A 655 -1.76 12.14 14.93
CA LYS A 655 -1.44 13.49 15.42
C LYS A 655 -0.93 14.33 14.27
N LYS A 656 -0.03 13.77 13.45
CA LYS A 656 0.55 14.49 12.32
C LYS A 656 -0.45 14.75 11.19
N ALA A 657 -1.29 13.74 10.87
CA ALA A 657 -2.30 13.87 9.84
C ALA A 657 -3.29 14.97 10.22
N LEU A 658 -3.56 15.12 11.54
CA LEU A 658 -4.49 16.09 12.12
C LEU A 658 -3.87 17.47 12.47
N THR A 659 -2.56 17.67 12.22
CA THR A 659 -1.91 18.95 12.45
C THR A 659 -1.32 19.53 11.13
N ASN A 660 -1.38 18.74 10.04
CA ASN A 660 -0.89 19.11 8.71
C ASN A 660 -1.82 18.49 7.64
N GLN A 661 -2.58 19.33 6.93
CA GLN A 661 -3.56 18.87 5.94
C GLN A 661 -2.95 18.19 4.71
N ARG A 662 -1.71 18.59 4.31
CA ARG A 662 -0.97 17.92 3.22
C ARG A 662 -0.68 16.45 3.61
N ILE A 663 -0.34 16.18 4.91
CA ILE A 663 -0.12 14.85 5.46
C ILE A 663 -1.49 14.16 5.56
N GLY A 664 -2.47 14.86 6.13
CA GLY A 664 -3.85 14.38 6.30
C GLY A 664 -4.48 13.80 5.05
N HIS A 665 -4.37 14.53 3.91
CA HIS A 665 -4.82 14.17 2.55
C HIS A 665 -4.30 12.81 2.13
N PHE A 666 -2.96 12.63 2.09
CA PHE A 666 -2.37 11.35 1.63
C PHE A 666 -2.54 10.22 2.63
N PHE A 667 -2.56 10.55 3.92
CA PHE A 667 -2.81 9.62 5.02
C PHE A 667 -4.15 8.96 4.77
N PHE A 668 -5.17 9.80 4.55
CA PHE A 668 -6.53 9.38 4.23
C PHE A 668 -6.55 8.47 2.98
N TRP A 669 -5.91 8.89 1.89
CA TRP A 669 -5.95 8.13 0.63
C TRP A 669 -5.21 6.84 0.68
N HIS A 670 -4.08 6.78 1.38
CA HIS A 670 -3.37 5.50 1.52
C HIS A 670 -4.18 4.49 2.28
N LEU A 671 -4.94 4.91 3.30
CA LEU A 671 -5.79 4.04 4.10
C LEU A 671 -7.10 3.71 3.40
N LYS A 672 -7.73 4.71 2.79
CA LYS A 672 -8.97 4.53 2.01
C LYS A 672 -8.79 3.56 0.80
N SER A 673 -7.65 3.61 0.14
CA SER A 673 -7.35 2.73 -1.00
C SER A 673 -7.32 1.25 -0.65
N GLU A 674 -7.07 0.89 0.62
CA GLU A 674 -6.95 -0.50 1.09
C GLU A 674 -8.15 -1.00 1.93
N MET A 675 -9.24 -0.21 1.96
CA MET A 675 -10.48 -0.55 2.67
C MET A 675 -11.20 -1.76 2.08
N HIS A 676 -10.84 -2.19 0.87
CA HIS A 676 -11.42 -3.38 0.23
C HIS A 676 -10.76 -4.63 0.78
N ASN A 677 -9.57 -4.47 1.38
CA ASN A 677 -8.75 -5.57 1.88
C ASN A 677 -9.11 -5.93 3.32
N LYS A 678 -9.88 -7.03 3.48
CA LYS A 678 -10.37 -7.57 4.76
C LYS A 678 -9.28 -7.86 5.83
N THR A 679 -7.99 -7.90 5.44
CA THR A 679 -6.89 -8.14 6.40
C THR A 679 -6.62 -6.91 7.24
N VAL A 680 -6.89 -5.72 6.71
CA VAL A 680 -6.62 -4.46 7.37
C VAL A 680 -7.81 -3.51 7.43
N SER A 681 -8.97 -3.86 6.81
CA SER A 681 -10.12 -2.95 6.74
C SER A 681 -10.70 -2.56 8.12
N GLN A 682 -10.58 -3.43 9.14
CA GLN A 682 -11.04 -3.07 10.48
C GLN A 682 -10.06 -2.07 11.12
N ARG A 683 -8.75 -2.31 11.01
CA ARG A 683 -7.75 -1.41 11.55
C ARG A 683 -7.87 -0.08 10.85
N PHE A 684 -7.77 -0.10 9.52
CA PHE A 684 -7.80 1.07 8.64
C PHE A 684 -9.08 1.88 8.75
N GLY A 685 -10.21 1.18 9.01
CA GLY A 685 -11.55 1.75 9.18
C GLY A 685 -11.68 2.59 10.45
N LEU A 686 -11.29 2.00 11.59
CA LEU A 686 -11.31 2.65 12.91
C LEU A 686 -10.41 3.87 12.93
N LEU A 687 -9.25 3.76 12.24
CA LEU A 687 -8.26 4.82 12.11
C LEU A 687 -8.80 5.95 11.27
N LEU A 688 -9.36 5.63 10.09
CA LEU A 688 -10.00 6.61 9.23
C LEU A 688 -11.21 7.31 9.93
N GLU A 689 -12.03 6.57 10.75
CA GLU A 689 -13.15 7.17 11.48
C GLU A 689 -12.62 8.30 12.42
N SER A 690 -11.53 8.01 13.16
CA SER A 690 -10.95 8.97 14.10
C SER A 690 -10.29 10.14 13.37
N TYR A 691 -9.74 9.89 12.17
CA TYR A 691 -9.21 10.98 11.36
C TYR A 691 -10.35 11.87 10.92
N CYS A 692 -11.40 11.27 10.30
CA CYS A 692 -12.56 12.01 9.78
C CYS A 692 -13.33 12.78 10.83
N ARG A 693 -13.35 12.24 12.04
CA ARG A 693 -14.01 12.87 13.18
C ARG A 693 -13.30 14.16 13.60
N ALA A 694 -11.96 14.23 13.46
CA ALA A 694 -11.20 15.39 13.90
C ALA A 694 -10.54 16.24 12.83
N CYS A 695 -10.68 15.91 11.53
CA CYS A 695 -10.00 16.67 10.49
C CYS A 695 -10.64 18.02 10.11
N GLY A 696 -11.80 18.33 10.70
CA GLY A 696 -12.52 19.57 10.45
C GLY A 696 -13.20 19.62 9.10
N MET A 697 -13.08 20.77 8.43
CA MET A 697 -13.67 21.11 7.14
C MET A 697 -13.11 20.30 5.99
N TYR A 698 -11.90 19.74 6.15
CA TYR A 698 -11.29 18.90 5.12
C TYR A 698 -12.15 17.67 4.80
N LEU A 699 -13.03 17.24 5.73
CA LEU A 699 -13.96 16.12 5.50
C LEU A 699 -14.89 16.45 4.33
N LYS A 700 -15.39 17.70 4.27
CA LYS A 700 -16.29 18.16 3.20
C LYS A 700 -15.64 18.06 1.81
N HIS A 701 -14.37 18.52 1.70
CA HIS A 701 -13.55 18.45 0.47
C HIS A 701 -13.16 17.01 0.15
N LEU A 702 -12.95 16.16 1.19
CA LEU A 702 -12.62 14.75 0.98
C LEU A 702 -13.82 14.01 0.40
N ASN A 703 -15.03 14.34 0.86
CA ASN A 703 -16.29 13.76 0.38
C ASN A 703 -16.63 14.14 -1.02
N ARG A 704 -16.18 15.33 -1.47
CA ARG A 704 -16.35 15.80 -2.84
C ARG A 704 -15.42 15.04 -3.74
N GLN A 705 -14.21 14.70 -3.25
CA GLN A 705 -13.20 13.92 -4.00
C GLN A 705 -13.68 12.48 -4.15
N VAL A 706 -14.23 11.93 -3.05
CA VAL A 706 -14.75 10.57 -3.01
C VAL A 706 -15.96 10.45 -3.94
N GLU A 707 -16.88 11.45 -3.96
CA GLU A 707 -18.05 11.34 -4.82
C GLU A 707 -17.64 11.41 -6.31
N ALA A 708 -16.71 12.32 -6.70
CA ALA A 708 -16.16 12.44 -8.07
C ALA A 708 -15.62 11.10 -8.56
N MET A 709 -14.81 10.44 -7.70
CA MET A 709 -14.19 9.14 -7.95
C MET A 709 -15.16 8.00 -8.11
N GLU A 710 -16.31 8.01 -7.40
CA GLU A 710 -17.33 6.95 -7.51
C GLU A 710 -18.06 7.05 -8.85
N LYS A 711 -18.32 8.26 -9.31
CA LYS A 711 -18.91 8.55 -10.61
C LYS A 711 -17.97 8.05 -11.76
N LEU A 712 -16.62 8.13 -11.56
CA LEU A 712 -15.60 7.70 -12.54
C LEU A 712 -15.51 6.17 -12.57
N ILE A 713 -15.60 5.55 -11.37
CA ILE A 713 -15.58 4.10 -11.22
C ILE A 713 -16.80 3.53 -11.95
N ASN A 714 -18.00 4.03 -11.65
CA ASN A 714 -19.24 3.57 -12.27
C ASN A 714 -19.17 3.69 -13.79
N LEU A 715 -18.84 4.89 -14.30
CA LEU A 715 -18.66 5.18 -15.73
C LEU A 715 -17.70 4.17 -16.43
N THR A 716 -16.49 3.98 -15.89
CA THR A 716 -15.53 3.01 -16.43
C THR A 716 -16.05 1.56 -16.30
N ASP A 717 -16.78 1.21 -15.24
CA ASP A 717 -17.38 -0.10 -15.05
C ASP A 717 -18.43 -0.41 -16.14
N ILE A 718 -19.25 0.58 -16.50
CA ILE A 718 -20.24 0.48 -17.58
C ILE A 718 -19.50 0.16 -18.90
N LEU A 719 -18.44 0.94 -19.24
CA LEU A 719 -17.65 0.76 -20.47
C LEU A 719 -16.90 -0.58 -20.52
N LYS A 720 -16.47 -1.05 -19.34
CA LYS A 720 -15.69 -2.28 -19.21
C LYS A 720 -16.56 -3.52 -19.24
N GLN A 721 -17.84 -3.40 -18.81
CA GLN A 721 -18.78 -4.52 -18.75
C GLN A 721 -19.89 -4.46 -19.82
N GLU A 722 -20.87 -3.57 -19.68
CA GLU A 722 -22.00 -3.41 -20.62
C GLU A 722 -21.63 -2.96 -22.01
N LYS A 723 -20.78 -1.93 -22.13
CA LYS A 723 -20.34 -1.34 -23.41
C LYS A 723 -19.03 -1.98 -23.91
N LYS A 724 -18.60 -3.11 -23.29
CA LYS A 724 -17.35 -3.80 -23.64
C LYS A 724 -17.25 -4.15 -25.14
N ASP A 725 -18.33 -4.69 -25.74
CA ASP A 725 -18.33 -5.07 -27.17
C ASP A 725 -18.92 -3.96 -28.06
N GLU A 726 -18.55 -2.71 -27.82
CA GLU A 726 -19.04 -1.56 -28.56
C GLU A 726 -17.87 -0.72 -29.08
N THR A 727 -18.03 -0.15 -30.28
CA THR A 727 -16.99 0.65 -30.93
C THR A 727 -16.62 1.90 -30.12
N GLN A 728 -15.45 2.49 -30.42
CA GLN A 728 -14.96 3.71 -29.77
C GLN A 728 -15.97 4.85 -29.94
N LYS A 729 -16.58 4.98 -31.15
CA LYS A 729 -17.56 6.05 -31.43
C LYS A 729 -18.82 5.94 -30.55
N VAL A 730 -19.36 4.71 -30.42
CA VAL A 730 -20.54 4.36 -29.62
C VAL A 730 -20.26 4.64 -28.14
N GLN A 731 -19.07 4.19 -27.66
CA GLN A 731 -18.59 4.40 -26.28
C GLN A 731 -18.37 5.88 -26.00
N MET A 732 -17.78 6.60 -26.98
CA MET A 732 -17.50 8.03 -26.87
C MET A 732 -18.76 8.83 -26.84
N LYS A 733 -19.80 8.40 -27.59
CA LYS A 733 -21.10 9.06 -27.63
C LYS A 733 -21.74 8.96 -26.25
N PHE A 734 -21.65 7.76 -25.65
CA PHE A 734 -22.15 7.45 -24.32
C PHE A 734 -21.39 8.27 -23.24
N LEU A 735 -20.04 8.30 -23.33
CA LEU A 735 -19.25 9.10 -22.41
C LEU A 735 -19.74 10.58 -22.45
N VAL A 736 -19.82 11.15 -23.67
CA VAL A 736 -20.20 12.51 -23.97
C VAL A 736 -21.55 12.88 -23.36
N GLU A 737 -22.59 12.05 -23.58
CA GLU A 737 -23.92 12.32 -23.03
C GLU A 737 -23.98 12.17 -21.50
N GLN A 738 -23.24 11.18 -20.93
CA GLN A 738 -23.20 10.95 -19.48
C GLN A 738 -22.53 12.04 -18.72
N MET A 739 -21.37 12.48 -19.20
CA MET A 739 -20.58 13.55 -18.58
C MET A 739 -21.33 14.87 -18.53
N ARG A 740 -22.27 15.12 -19.49
CA ARG A 740 -23.14 16.29 -19.63
C ARG A 740 -24.26 16.37 -18.57
N ARG A 741 -24.59 15.24 -17.93
CA ARG A 741 -25.65 15.20 -16.92
C ARG A 741 -25.33 16.10 -15.69
N PRO A 742 -26.31 16.91 -15.18
CA PRO A 742 -26.02 17.79 -14.02
C PRO A 742 -25.49 17.10 -12.78
N ASP A 743 -26.02 15.91 -12.43
CA ASP A 743 -25.52 15.11 -11.29
C ASP A 743 -24.03 14.77 -11.50
N PHE A 744 -23.63 14.56 -12.77
CA PHE A 744 -22.25 14.25 -13.12
C PHE A 744 -21.42 15.52 -13.09
N MET A 745 -21.92 16.60 -13.71
CA MET A 745 -21.22 17.89 -13.77
C MET A 745 -21.01 18.50 -12.36
N ASP A 746 -21.98 18.32 -11.45
CA ASP A 746 -21.89 18.80 -10.07
C ASP A 746 -20.82 18.07 -9.29
N ALA A 747 -20.72 16.76 -9.52
CA ALA A 747 -19.77 15.90 -8.83
C ALA A 747 -18.33 15.98 -9.34
N LEU A 748 -18.13 16.24 -10.64
CA LEU A 748 -16.81 16.26 -11.22
C LEU A 748 -16.24 17.66 -11.53
N GLN A 749 -16.87 18.71 -11.00
CA GLN A 749 -16.38 20.07 -11.17
C GLN A 749 -16.28 20.75 -9.81
N GLY A 750 -15.22 21.54 -9.60
CA GLY A 750 -15.05 22.29 -8.36
C GLY A 750 -14.70 21.47 -7.14
N PHE A 751 -13.60 20.69 -7.24
CA PHE A 751 -13.11 19.86 -6.12
C PHE A 751 -11.57 19.85 -6.16
N LEU A 752 -10.92 19.40 -5.10
CA LEU A 752 -9.45 19.37 -5.06
C LEU A 752 -8.90 18.09 -5.68
N SER A 753 -7.74 18.18 -6.31
CA SER A 753 -7.12 17.04 -6.97
C SER A 753 -6.60 16.03 -5.97
N PRO A 754 -7.03 14.73 -5.99
CA PRO A 754 -6.42 13.74 -5.07
C PRO A 754 -4.91 13.52 -5.30
N LEU A 755 -4.35 13.88 -6.49
CA LEU A 755 -2.90 13.82 -6.79
C LEU A 755 -2.12 14.91 -6.02
N ASN A 756 -2.71 16.11 -5.89
CA ASN A 756 -2.13 17.24 -5.18
C ASN A 756 -3.25 18.15 -4.73
N PRO A 757 -3.59 18.16 -3.43
CA PRO A 757 -4.73 18.99 -2.95
C PRO A 757 -4.60 20.52 -3.08
N ALA A 758 -3.41 21.00 -3.50
CA ALA A 758 -3.14 22.42 -3.74
C ALA A 758 -3.60 22.76 -5.18
N HIS A 759 -4.03 21.73 -5.94
CA HIS A 759 -4.56 21.85 -7.30
C HIS A 759 -6.09 21.76 -7.30
N GLN A 760 -6.71 22.84 -7.76
CA GLN A 760 -8.15 22.97 -7.86
C GLN A 760 -8.63 22.48 -9.22
N LEU A 761 -9.57 21.55 -9.22
CA LEU A 761 -10.14 21.06 -10.45
C LEU A 761 -11.44 21.83 -10.61
N GLY A 762 -11.42 22.82 -11.50
CA GLY A 762 -12.58 23.67 -11.78
C GLY A 762 -13.54 22.99 -12.74
N ASN A 763 -13.90 23.66 -13.83
CA ASN A 763 -14.81 23.05 -14.78
C ASN A 763 -14.10 22.14 -15.72
N LEU A 764 -14.79 21.05 -16.12
CA LEU A 764 -14.30 20.06 -17.06
C LEU A 764 -14.32 20.68 -18.43
N ARG A 765 -13.30 20.40 -19.26
CA ARG A 765 -13.18 20.80 -20.66
C ARG A 765 -13.61 19.56 -21.41
N LEU A 766 -14.93 19.30 -21.46
CA LEU A 766 -15.50 18.09 -22.07
C LEU A 766 -15.03 17.75 -23.49
N GLU A 767 -14.62 18.76 -24.26
CA GLU A 767 -14.11 18.56 -25.62
C GLU A 767 -12.70 17.93 -25.63
N GLU A 768 -12.04 17.91 -24.47
CA GLU A 768 -10.69 17.37 -24.27
C GLU A 768 -10.68 16.02 -23.54
N CYS A 769 -11.84 15.58 -23.02
CA CYS A 769 -12.02 14.31 -22.31
C CYS A 769 -12.21 13.16 -23.29
N ARG A 770 -11.60 11.98 -23.02
CA ARG A 770 -11.71 10.83 -23.94
C ARG A 770 -11.32 9.52 -23.31
N ILE A 771 -11.81 8.41 -23.90
CA ILE A 771 -11.45 7.04 -23.58
C ILE A 771 -10.21 6.75 -24.43
N MET A 772 -9.13 6.27 -23.81
CA MET A 772 -7.86 5.95 -24.48
C MET A 772 -7.90 4.60 -25.12
N SER A 773 -7.11 4.41 -26.20
CA SER A 773 -7.06 3.19 -27.02
C SER A 773 -6.65 1.90 -26.28
N SER A 774 -5.82 2.02 -25.24
CA SER A 774 -5.40 0.91 -24.36
C SER A 774 -6.65 0.08 -23.90
N ALA A 775 -6.50 -1.26 -23.85
CA ALA A 775 -7.53 -2.27 -23.49
C ALA A 775 -8.22 -2.08 -22.13
N LYS A 776 -7.55 -1.42 -21.14
CA LYS A 776 -8.13 -1.12 -19.82
C LYS A 776 -9.18 0.01 -19.94
N ARG A 777 -9.13 0.75 -21.08
CA ARG A 777 -9.97 1.89 -21.49
C ARG A 777 -9.81 3.07 -20.50
N PRO A 778 -8.56 3.57 -20.33
CA PRO A 778 -8.34 4.67 -19.40
C PRO A 778 -9.04 5.94 -19.86
N LEU A 779 -9.50 6.76 -18.89
CA LEU A 779 -10.14 8.03 -19.22
C LEU A 779 -9.15 9.10 -19.06
N TRP A 780 -8.98 9.87 -20.12
CA TRP A 780 -8.18 11.08 -20.14
C TRP A 780 -9.19 12.17 -19.78
N LEU A 781 -8.91 12.96 -18.76
CA LEU A 781 -9.79 14.02 -18.29
C LEU A 781 -9.03 15.28 -18.17
N ASN A 782 -9.66 16.37 -18.58
CA ASN A 782 -9.10 17.70 -18.54
C ASN A 782 -10.01 18.60 -17.71
N TRP A 783 -9.43 19.48 -16.91
CA TRP A 783 -10.14 20.45 -16.09
C TRP A 783 -9.46 21.78 -16.25
N GLU A 784 -10.22 22.85 -16.12
CA GLU A 784 -9.71 24.21 -16.08
C GLU A 784 -9.13 24.39 -14.68
N ASN A 785 -8.04 25.17 -14.56
CA ASN A 785 -7.46 25.54 -13.28
C ASN A 785 -8.20 26.86 -12.96
N PRO A 786 -9.05 26.87 -11.93
CA PRO A 786 -9.80 28.09 -11.61
C PRO A 786 -9.03 29.18 -10.85
N ASP A 787 -7.72 29.00 -10.59
CA ASP A 787 -6.92 30.03 -9.91
C ASP A 787 -6.94 31.30 -10.76
N ILE A 788 -6.94 32.47 -10.11
CA ILE A 788 -6.99 33.79 -10.77
C ILE A 788 -5.79 33.99 -11.75
N MET A 789 -4.60 33.43 -11.41
CA MET A 789 -3.33 33.54 -12.14
C MET A 789 -2.84 32.19 -12.74
N SER A 790 -3.79 31.32 -13.17
CA SER A 790 -3.50 29.98 -13.73
C SER A 790 -2.48 29.97 -14.88
N GLU A 791 -2.46 31.03 -15.73
CA GLU A 791 -1.53 31.14 -16.89
C GLU A 791 -0.03 31.07 -16.48
N LEU A 792 0.29 31.45 -15.23
CA LEU A 792 1.64 31.43 -14.66
C LEU A 792 2.08 30.04 -14.14
N LEU A 793 1.18 29.03 -14.11
CA LEU A 793 1.47 27.68 -13.65
C LEU A 793 1.06 26.65 -14.73
N PHE A 794 -0.27 26.54 -14.99
CA PHE A 794 -0.92 25.71 -16.02
C PHE A 794 -2.39 26.04 -16.06
N GLN A 795 -2.96 25.97 -17.26
CA GLN A 795 -4.35 26.23 -17.54
C GLN A 795 -5.11 24.91 -17.53
N ASN A 796 -4.48 23.84 -18.06
CA ASN A 796 -5.02 22.49 -18.19
C ASN A 796 -4.47 21.53 -17.13
N ASN A 797 -5.36 20.99 -16.29
CA ASN A 797 -4.98 19.98 -15.32
C ASN A 797 -5.52 18.63 -15.84
N GLU A 798 -4.70 17.92 -16.61
CA GLU A 798 -5.01 16.64 -17.25
C GLU A 798 -4.61 15.44 -16.38
N ILE A 799 -5.54 14.48 -16.23
CA ILE A 799 -5.36 13.29 -15.38
C ILE A 799 -5.92 12.09 -16.09
N ILE A 800 -5.21 10.98 -15.98
CA ILE A 800 -5.64 9.71 -16.52
C ILE A 800 -6.23 8.91 -15.36
N PHE A 801 -7.51 8.50 -15.52
CA PHE A 801 -8.24 7.69 -14.56
C PHE A 801 -8.22 6.23 -15.08
N LYS A 802 -7.66 5.33 -14.27
CA LYS A 802 -7.52 3.94 -14.70
C LYS A 802 -8.18 2.97 -13.72
N ASN A 803 -9.13 2.19 -14.23
CA ASN A 803 -9.88 1.18 -13.53
C ASN A 803 -9.49 -0.13 -14.19
N GLY A 804 -8.73 -0.95 -13.48
CA GLY A 804 -8.29 -2.22 -14.01
C GLY A 804 -6.93 -2.69 -13.57
N ASP A 805 -5.94 -1.82 -13.62
CA ASP A 805 -4.61 -2.23 -13.18
C ASP A 805 -4.28 -1.76 -11.79
N ASP A 806 -3.51 -2.58 -11.07
CA ASP A 806 -3.01 -2.26 -9.75
C ASP A 806 -1.84 -1.27 -9.92
N LEU A 807 -1.98 -0.07 -9.36
CA LEU A 807 -0.98 1.01 -9.44
C LEU A 807 -0.02 1.12 -8.27
N ARG A 808 -0.08 0.23 -7.27
CA ARG A 808 0.80 0.31 -6.09
C ARG A 808 2.29 0.17 -6.40
N GLN A 809 2.72 -0.72 -7.35
CA GLN A 809 4.13 -0.88 -7.73
C GLN A 809 4.64 0.35 -8.44
N ASP A 810 3.80 1.00 -9.29
CA ASP A 810 4.16 2.23 -9.99
C ASP A 810 4.34 3.36 -9.00
N MET A 811 3.42 3.47 -8.02
CA MET A 811 3.44 4.44 -6.92
C MET A 811 4.78 4.34 -6.16
N LEU A 812 5.20 3.09 -5.85
CA LEU A 812 6.46 2.85 -5.13
C LEU A 812 7.66 3.18 -5.98
N THR A 813 7.68 2.73 -7.26
CA THR A 813 8.78 3.03 -8.17
C THR A 813 8.93 4.53 -8.36
N LEU A 814 7.81 5.26 -8.42
CA LEU A 814 7.84 6.72 -8.60
C LEU A 814 8.29 7.42 -7.37
N GLN A 815 7.99 6.85 -6.19
CA GLN A 815 8.43 7.39 -4.91
C GLN A 815 9.97 7.31 -4.85
N ILE A 816 10.53 6.09 -5.16
CA ILE A 816 11.97 5.78 -5.14
C ILE A 816 12.73 6.72 -6.08
N ILE A 817 12.23 6.91 -7.33
CA ILE A 817 12.79 7.82 -8.32
C ILE A 817 12.93 9.24 -7.74
N ARG A 818 11.89 9.75 -7.06
CA ARG A 818 11.90 11.06 -6.40
C ARG A 818 13.00 11.13 -5.33
N ILE A 819 13.08 10.08 -4.45
CA ILE A 819 14.08 9.97 -3.40
C ILE A 819 15.50 9.96 -4.04
N MET A 820 15.71 9.16 -5.10
CA MET A 820 16.97 9.11 -5.87
C MET A 820 17.32 10.50 -6.42
N GLU A 821 16.37 11.14 -7.18
CA GLU A 821 16.53 12.50 -7.74
C GLU A 821 16.97 13.53 -6.67
N ASN A 822 16.41 13.42 -5.47
CA ASN A 822 16.74 14.30 -4.37
C ASN A 822 18.15 14.02 -3.84
N ILE A 823 18.60 12.71 -3.74
CA ILE A 823 19.98 12.37 -3.30
C ILE A 823 20.96 13.10 -4.24
N TRP A 824 20.76 12.91 -5.57
CA TRP A 824 21.56 13.47 -6.66
C TRP A 824 21.63 15.00 -6.63
N GLN A 825 20.48 15.69 -6.45
CA GLN A 825 20.46 17.16 -6.35
C GLN A 825 21.32 17.63 -5.17
N ASN A 826 21.14 17.00 -4.00
CA ASN A 826 21.85 17.32 -2.77
C ASN A 826 23.33 17.03 -2.81
N GLN A 827 23.75 16.09 -3.68
CA GLN A 827 25.16 15.73 -3.89
C GLN A 827 25.80 16.51 -5.05
N GLY A 828 25.05 17.46 -5.63
CA GLY A 828 25.50 18.31 -6.73
C GLY A 828 25.36 17.75 -8.13
N LEU A 829 24.41 16.84 -8.35
CA LEU A 829 24.15 16.22 -9.68
C LEU A 829 22.76 16.63 -10.21
N ASP A 830 22.70 17.40 -11.31
CA ASP A 830 21.43 17.78 -11.92
C ASP A 830 20.99 16.71 -12.91
N LEU A 831 20.44 15.60 -12.38
CA LEU A 831 19.89 14.53 -13.21
C LEU A 831 18.38 14.65 -13.04
N ARG A 832 17.73 15.35 -13.98
CA ARG A 832 16.32 15.67 -13.92
C ARG A 832 15.45 14.46 -14.20
N MET A 833 14.67 14.04 -13.19
CA MET A 833 13.76 12.89 -13.29
C MET A 833 12.34 13.40 -13.38
N LEU A 834 11.40 12.53 -13.77
CA LEU A 834 10.00 12.93 -13.80
C LEU A 834 9.15 11.95 -12.99
N PRO A 835 9.13 12.11 -11.64
CA PRO A 835 8.29 11.22 -10.83
C PRO A 835 6.87 11.78 -10.86
N TYR A 836 6.16 11.59 -12.00
CA TYR A 836 4.77 12.04 -12.20
C TYR A 836 3.87 11.47 -11.11
N GLY A 837 2.81 12.20 -10.77
CA GLY A 837 1.86 11.79 -9.76
C GLY A 837 1.14 10.52 -10.16
N CYS A 838 0.98 9.67 -9.18
CA CYS A 838 0.31 8.38 -9.31
C CYS A 838 -0.25 8.01 -7.95
N LEU A 839 -1.56 7.83 -7.90
CA LEU A 839 -2.21 7.47 -6.67
C LEU A 839 -3.22 6.32 -6.84
N SER A 840 -3.02 5.25 -6.08
CA SER A 840 -3.98 4.16 -5.99
C SER A 840 -5.08 4.69 -5.02
N ILE A 841 -6.36 4.65 -5.44
CA ILE A 841 -7.53 5.11 -4.68
C ILE A 841 -8.44 3.97 -4.24
N GLY A 842 -8.15 2.77 -4.71
CA GLY A 842 -8.91 1.58 -4.37
C GLY A 842 -8.31 0.34 -4.98
N ASP A 843 -9.10 -0.74 -5.01
CA ASP A 843 -8.67 -2.01 -5.59
C ASP A 843 -8.53 -1.87 -7.11
N CYS A 844 -7.27 -1.79 -7.60
CA CYS A 844 -6.96 -1.68 -9.02
C CYS A 844 -7.61 -0.50 -9.69
N VAL A 845 -7.46 0.67 -9.06
CA VAL A 845 -8.08 1.92 -9.53
C VAL A 845 -7.23 3.09 -9.04
N GLY A 846 -6.99 4.03 -9.94
CA GLY A 846 -6.18 5.19 -9.60
C GLY A 846 -6.07 6.26 -10.65
N LEU A 847 -5.33 7.30 -10.26
CA LEU A 847 -5.05 8.50 -11.03
C LEU A 847 -3.59 8.55 -11.40
N ILE A 848 -3.31 9.01 -12.62
CA ILE A 848 -1.95 9.16 -13.18
C ILE A 848 -1.86 10.59 -13.70
N GLU A 849 -0.83 11.33 -13.33
CA GLU A 849 -0.63 12.72 -13.79
C GLU A 849 -0.12 12.73 -15.23
N VAL A 850 -0.86 13.39 -16.13
CA VAL A 850 -0.50 13.55 -17.54
C VAL A 850 0.64 14.57 -17.61
N VAL A 851 1.69 14.22 -18.34
CA VAL A 851 2.80 15.12 -18.61
C VAL A 851 2.50 15.73 -19.98
N ARG A 852 2.40 17.05 -19.99
CA ARG A 852 2.06 17.78 -21.20
C ARG A 852 3.27 17.98 -22.10
N ASN A 853 3.02 18.11 -23.43
CA ASN A 853 4.05 18.31 -24.45
C ASN A 853 5.14 17.27 -24.34
N SER A 854 4.73 15.99 -24.33
CA SER A 854 5.61 14.84 -24.21
C SER A 854 5.00 13.73 -25.03
N HIS A 855 5.83 12.98 -25.77
CA HIS A 855 5.36 11.91 -26.66
C HIS A 855 6.24 10.70 -26.49
N THR A 856 5.67 9.51 -26.78
CA THR A 856 6.43 8.27 -26.71
C THR A 856 7.46 8.24 -27.83
N ILE A 857 8.45 7.35 -27.73
CA ILE A 857 9.44 7.26 -28.80
C ILE A 857 8.72 6.78 -30.10
N MET A 858 7.81 5.79 -30.00
CA MET A 858 7.01 5.32 -31.12
C MET A 858 6.17 6.43 -31.77
N GLN A 859 5.57 7.33 -30.97
CA GLN A 859 4.82 8.49 -31.49
C GLN A 859 5.77 9.39 -32.29
N ILE A 860 6.97 9.71 -31.75
CA ILE A 860 8.00 10.52 -32.41
C ILE A 860 8.49 9.84 -33.71
N GLN A 861 8.72 8.48 -33.67
CA GLN A 861 9.20 7.64 -34.77
C GLN A 861 8.22 7.63 -35.93
N CYS A 862 6.91 7.53 -35.64
CA CYS A 862 5.84 7.67 -36.62
C CYS A 862 5.74 9.18 -36.86
N LYS A 863 4.85 9.67 -37.73
CA LYS A 863 4.80 11.12 -38.06
C LYS A 863 6.24 11.65 -38.38
N GLY A 864 6.91 10.96 -39.32
CA GLY A 864 8.27 11.25 -39.76
C GLY A 864 9.03 10.02 -40.22
N PHE A 872 10.97 5.95 -41.28
CA PHE A 872 11.74 6.52 -40.17
C PHE A 872 13.10 5.82 -40.00
N ASN A 873 14.13 6.58 -39.59
CA ASN A 873 15.46 6.01 -39.34
C ASN A 873 15.88 6.26 -37.87
N SER A 874 17.19 6.08 -37.56
CA SER A 874 17.78 6.26 -36.23
C SER A 874 18.02 7.72 -35.88
N HIS A 875 17.84 8.62 -36.86
CA HIS A 875 18.04 10.06 -36.71
C HIS A 875 16.72 10.80 -36.52
N THR A 876 15.58 10.10 -36.71
CA THR A 876 14.23 10.66 -36.58
C THR A 876 14.04 11.40 -35.24
N LEU A 877 14.51 10.79 -34.12
CA LEU A 877 14.45 11.34 -32.76
C LEU A 877 15.31 12.60 -32.63
N HIS A 878 16.58 12.54 -33.07
CA HIS A 878 17.45 13.71 -33.01
C HIS A 878 16.88 14.85 -33.88
N GLN A 879 16.31 14.50 -35.06
CA GLN A 879 15.66 15.45 -35.97
C GLN A 879 14.43 16.13 -35.31
N TRP A 880 13.61 15.34 -34.60
CA TRP A 880 12.42 15.81 -33.88
C TRP A 880 12.81 16.83 -32.81
N LEU A 881 13.88 16.56 -32.06
CA LEU A 881 14.38 17.47 -31.03
C LEU A 881 14.93 18.75 -31.60
N LYS A 882 15.55 18.66 -32.79
CA LYS A 882 16.11 19.78 -33.55
C LYS A 882 14.96 20.73 -33.95
N ASP A 883 13.91 20.16 -34.58
CA ASP A 883 12.70 20.86 -35.02
C ASP A 883 11.97 21.58 -33.86
N LYS A 884 12.00 20.99 -32.63
CA LYS A 884 11.36 21.53 -31.42
C LYS A 884 12.27 22.47 -30.62
N ASN A 885 13.59 22.42 -30.86
CA ASN A 885 14.59 23.27 -30.21
C ASN A 885 15.60 23.77 -31.25
N LYS A 886 15.21 24.84 -31.95
CA LYS A 886 15.96 25.52 -33.01
C LYS A 886 16.82 26.68 -32.45
N GLY A 887 18.03 26.81 -32.98
CA GLY A 887 18.97 27.86 -32.61
C GLY A 887 19.64 27.71 -31.27
N GLU A 888 19.58 28.78 -30.46
CA GLU A 888 20.20 28.92 -29.13
C GLU A 888 19.79 27.86 -28.12
N ILE A 889 18.51 27.47 -28.16
CA ILE A 889 17.92 26.51 -27.23
C ILE A 889 18.17 25.06 -27.60
N TYR A 890 19.03 24.80 -28.60
CA TYR A 890 19.36 23.42 -29.01
C TYR A 890 20.25 22.74 -27.95
N ASP A 891 21.42 23.32 -27.62
CA ASP A 891 22.38 22.74 -26.68
C ASP A 891 21.71 22.28 -25.38
N ALA A 892 20.93 23.17 -24.73
CA ALA A 892 20.16 22.90 -23.49
C ALA A 892 19.25 21.67 -23.60
N ALA A 893 18.60 21.47 -24.78
CA ALA A 893 17.74 20.32 -25.10
C ALA A 893 18.54 19.00 -25.04
N ILE A 894 19.78 19.01 -25.60
CA ILE A 894 20.69 17.86 -25.62
C ILE A 894 21.26 17.61 -24.22
N ASP A 895 21.54 18.68 -23.43
CA ASP A 895 22.09 18.57 -22.08
C ASP A 895 21.06 17.92 -21.20
N LEU A 896 19.79 18.41 -21.30
CA LEU A 896 18.64 17.93 -20.53
C LEU A 896 18.32 16.46 -20.84
N PHE A 897 18.44 16.07 -22.12
CA PHE A 897 18.20 14.71 -22.58
C PHE A 897 19.21 13.75 -21.97
N THR A 898 20.50 14.12 -22.02
CA THR A 898 21.65 13.38 -21.52
C THR A 898 21.55 13.20 -20.03
N ARG A 899 21.22 14.27 -19.30
CA ARG A 899 21.09 14.24 -17.84
C ARG A 899 19.91 13.38 -17.39
N SER A 900 18.74 13.60 -17.99
CA SER A 900 17.53 12.82 -17.71
C SER A 900 17.78 11.34 -18.06
N CYS A 901 18.28 11.13 -19.25
CA CYS A 901 18.70 9.85 -19.82
C CYS A 901 19.65 9.02 -18.91
N ALA A 902 20.57 9.69 -18.19
CA ALA A 902 21.50 9.06 -17.25
C ALA A 902 20.79 8.62 -15.96
N GLY A 903 19.95 9.49 -15.43
CA GLY A 903 19.18 9.23 -14.21
C GLY A 903 18.29 8.02 -14.38
N TYR A 904 17.64 7.90 -15.56
CA TYR A 904 16.77 6.78 -15.91
C TYR A 904 17.53 5.49 -16.18
N CYS A 905 18.72 5.62 -16.75
CA CYS A 905 19.63 4.53 -17.03
C CYS A 905 20.11 3.87 -15.72
N VAL A 906 20.57 4.68 -14.75
CA VAL A 906 21.01 4.25 -13.44
C VAL A 906 19.85 3.71 -12.60
N ALA A 907 18.80 4.53 -12.39
CA ALA A 907 17.62 4.17 -11.59
C ALA A 907 17.01 2.85 -11.96
N THR A 908 16.73 2.64 -13.27
CA THR A 908 16.10 1.41 -13.76
C THR A 908 17.01 0.21 -13.65
N PHE A 909 18.35 0.41 -13.87
CA PHE A 909 19.31 -0.69 -13.69
C PHE A 909 19.24 -1.14 -12.23
N ILE A 910 19.31 -0.21 -11.28
CA ILE A 910 19.23 -0.54 -9.85
C ILE A 910 17.91 -1.25 -9.45
N LEU A 911 16.78 -0.72 -9.90
CA LEU A 911 15.49 -1.27 -9.46
C LEU A 911 15.05 -2.50 -10.22
N GLY A 912 15.61 -2.73 -11.39
CA GLY A 912 15.21 -3.86 -12.23
C GLY A 912 13.79 -3.76 -12.74
N ILE A 913 13.39 -2.54 -13.17
CA ILE A 913 12.10 -2.17 -13.80
C ILE A 913 11.86 -3.05 -15.05
N GLY A 914 10.62 -3.12 -15.53
CA GLY A 914 10.28 -3.87 -16.74
C GLY A 914 11.01 -3.36 -17.98
N ASP A 915 11.26 -4.24 -18.97
CA ASP A 915 11.99 -3.84 -20.19
C ASP A 915 11.35 -2.67 -20.89
N ARG A 916 12.21 -1.73 -21.27
CA ARG A 916 11.82 -0.53 -21.99
C ARG A 916 11.67 -0.82 -23.49
N HIS A 917 10.80 -0.06 -24.14
CA HIS A 917 10.55 -0.12 -25.58
C HIS A 917 10.08 1.26 -25.99
N ASN A 918 9.78 1.44 -27.30
CA ASN A 918 9.36 2.72 -27.88
C ASN A 918 8.06 3.30 -27.30
N SER A 919 7.20 2.44 -26.71
CA SER A 919 5.91 2.83 -26.13
C SER A 919 5.92 3.24 -24.64
N ASN A 920 6.91 2.79 -23.82
CA ASN A 920 6.99 3.12 -22.38
C ASN A 920 8.16 4.12 -22.02
N ILE A 921 8.77 4.77 -23.03
CA ILE A 921 9.81 5.82 -22.89
C ILE A 921 9.23 7.02 -23.60
N MET A 922 9.14 8.15 -22.89
CA MET A 922 8.60 9.39 -23.44
C MET A 922 9.64 10.48 -23.39
N VAL A 923 9.55 11.41 -24.33
CA VAL A 923 10.43 12.58 -24.39
C VAL A 923 9.58 13.84 -24.43
N LYS A 924 9.90 14.80 -23.58
CA LYS A 924 9.23 16.10 -23.57
C LYS A 924 9.79 16.90 -24.76
N ASP A 925 9.03 17.89 -25.25
CA ASP A 925 9.42 18.77 -26.36
C ASP A 925 10.79 19.40 -26.11
N ASP A 926 11.11 19.79 -24.84
CA ASP A 926 12.38 20.39 -24.41
C ASP A 926 13.54 19.36 -24.18
N GLY A 927 13.36 18.11 -24.61
CA GLY A 927 14.38 17.06 -24.48
C GLY A 927 14.32 16.15 -23.28
N GLN A 928 13.70 16.60 -22.16
CA GLN A 928 13.57 15.78 -20.95
C GLN A 928 12.95 14.42 -21.22
N LEU A 929 13.78 13.37 -21.08
CA LEU A 929 13.42 11.96 -21.26
C LEU A 929 12.92 11.41 -19.90
N PHE A 930 11.89 10.54 -19.94
CA PHE A 930 11.36 9.89 -18.75
C PHE A 930 10.69 8.60 -19.13
N HIS A 931 10.55 7.72 -18.15
CA HIS A 931 9.89 6.43 -18.29
C HIS A 931 8.48 6.48 -17.67
N ILE A 932 7.59 5.67 -18.24
CA ILE A 932 6.21 5.51 -17.78
C ILE A 932 5.94 4.03 -17.63
N ASP A 933 4.87 3.64 -16.96
CA ASP A 933 4.48 2.24 -16.84
C ASP A 933 5.67 1.38 -16.40
N PHE A 934 5.93 1.40 -15.11
CA PHE A 934 7.03 0.64 -14.54
C PHE A 934 6.57 -0.80 -14.37
N GLY A 935 5.43 -0.95 -13.67
CA GLY A 935 4.71 -2.20 -13.46
C GLY A 935 5.42 -3.27 -12.67
N HIS A 936 6.52 -3.79 -13.24
CA HIS A 936 7.36 -4.80 -12.62
C HIS A 936 8.61 -4.12 -12.10
N PHE A 937 9.29 -4.77 -11.17
CA PHE A 937 10.58 -4.38 -10.58
C PHE A 937 11.26 -5.59 -9.94
N LEU A 938 12.50 -5.41 -9.53
CA LEU A 938 13.34 -6.41 -8.89
C LEU A 938 13.50 -7.68 -9.78
N ASP A 939 13.62 -8.89 -9.18
CA ASP A 939 13.79 -10.13 -9.94
C ASP A 939 12.43 -10.75 -10.42
N HIS A 940 11.66 -9.96 -11.21
CA HIS A 940 10.36 -10.39 -11.74
C HIS A 940 10.43 -11.53 -12.80
N LYS A 941 11.63 -11.82 -13.31
CA LYS A 941 11.83 -12.85 -14.33
C LYS A 941 12.52 -14.12 -13.81
N LYS A 942 12.87 -14.14 -12.51
CA LYS A 942 13.57 -15.25 -11.86
C LYS A 942 12.75 -16.55 -11.81
N LYS A 943 11.46 -16.48 -11.40
CA LYS A 943 10.63 -17.68 -11.35
C LYS A 943 10.28 -18.15 -12.74
N LYS A 944 9.94 -17.20 -13.63
CA LYS A 944 9.51 -17.49 -14.99
C LYS A 944 10.57 -18.13 -15.87
N PHE A 945 11.86 -17.75 -15.74
CA PHE A 945 12.87 -18.35 -16.63
C PHE A 945 14.11 -18.91 -15.91
N GLY A 946 14.25 -18.66 -14.61
CA GLY A 946 15.33 -19.19 -13.78
C GLY A 946 16.74 -18.85 -14.19
N TYR A 947 16.92 -17.71 -14.88
CA TYR A 947 18.25 -17.23 -15.27
C TYR A 947 18.76 -16.34 -14.13
N LYS A 948 20.04 -16.55 -13.72
CA LYS A 948 20.68 -15.78 -12.66
C LYS A 948 21.47 -14.62 -13.30
N ARG A 949 20.77 -13.48 -13.51
CA ARG A 949 21.32 -12.27 -14.15
C ARG A 949 20.65 -10.98 -13.67
N GLU A 950 21.31 -9.82 -13.91
CA GLU A 950 20.77 -8.49 -13.60
C GLU A 950 20.62 -7.81 -14.93
N ARG A 951 19.38 -7.64 -15.38
CA ARG A 951 19.10 -7.06 -16.68
C ARG A 951 19.34 -5.57 -16.69
N VAL A 952 19.46 -4.99 -17.90
CA VAL A 952 19.64 -3.57 -18.15
C VAL A 952 18.36 -3.17 -18.88
N PRO A 953 17.28 -2.82 -18.11
CA PRO A 953 15.98 -2.53 -18.77
C PRO A 953 16.07 -1.45 -19.83
N PHE A 954 16.93 -0.45 -19.61
CA PHE A 954 17.12 0.69 -20.46
C PHE A 954 18.45 0.61 -21.22
N VAL A 955 18.46 -0.17 -22.33
CA VAL A 955 19.61 -0.31 -23.24
C VAL A 955 19.49 0.90 -24.18
N LEU A 956 20.48 1.78 -24.12
CA LEU A 956 20.52 2.98 -24.95
C LEU A 956 20.77 2.63 -26.40
N THR A 957 19.69 2.60 -27.21
CA THR A 957 19.74 2.32 -28.65
C THR A 957 20.51 3.42 -29.36
N GLN A 958 20.96 3.14 -30.61
CA GLN A 958 21.67 4.08 -31.48
C GLN A 958 20.95 5.43 -31.52
N ASP A 959 19.60 5.40 -31.60
CA ASP A 959 18.66 6.53 -31.58
C ASP A 959 18.93 7.54 -30.44
N PHE A 960 19.24 7.02 -29.22
CA PHE A 960 19.53 7.82 -28.02
C PHE A 960 20.96 8.29 -28.05
N LEU A 961 21.88 7.39 -28.48
CA LEU A 961 23.32 7.67 -28.62
C LEU A 961 23.56 8.83 -29.59
N ILE A 962 22.88 8.81 -30.75
CA ILE A 962 22.89 9.86 -31.78
C ILE A 962 22.47 11.21 -31.16
N VAL A 963 21.44 11.22 -30.26
CA VAL A 963 20.99 12.45 -29.58
C VAL A 963 22.10 12.97 -28.68
N ILE A 964 22.60 12.11 -27.76
CA ILE A 964 23.67 12.44 -26.80
C ILE A 964 24.92 13.00 -27.53
N SER A 965 25.34 12.34 -28.63
CA SER A 965 26.48 12.69 -29.48
C SER A 965 26.22 13.78 -30.55
N LYS A 966 25.03 14.42 -30.53
CA LYS A 966 24.62 15.50 -31.43
C LYS A 966 24.71 15.12 -32.93
N GLY A 967 24.54 13.84 -33.23
CA GLY A 967 24.55 13.29 -34.59
C GLY A 967 25.89 12.85 -35.13
N ALA A 968 26.91 12.68 -34.27
CA ALA A 968 28.27 12.26 -34.65
C ALA A 968 28.32 10.82 -35.22
N GLN A 969 29.43 10.46 -35.92
CA GLN A 969 29.60 9.10 -36.48
C GLN A 969 29.97 8.11 -35.37
N GLU A 970 31.21 8.20 -34.85
CA GLU A 970 31.68 7.35 -33.75
C GLU A 970 31.15 7.98 -32.47
N CYS A 971 29.93 7.56 -32.07
CA CYS A 971 29.14 8.06 -30.94
C CYS A 971 29.73 7.78 -29.54
N THR A 972 30.43 6.67 -29.34
CA THR A 972 30.96 6.38 -27.99
C THR A 972 32.30 7.08 -27.73
N LYS A 973 33.11 7.28 -28.78
CA LYS A 973 34.40 7.96 -28.67
C LYS A 973 34.24 9.47 -28.43
N THR A 974 33.00 10.01 -28.45
CA THR A 974 32.71 11.43 -28.23
C THR A 974 32.92 11.90 -26.77
N ARG A 975 33.06 13.22 -26.58
CA ARG A 975 33.23 13.84 -25.27
C ARG A 975 31.88 13.94 -24.58
N GLU A 976 30.81 14.02 -25.41
CA GLU A 976 29.42 14.06 -24.98
C GLU A 976 29.11 12.73 -24.22
N PHE A 977 29.40 11.57 -24.85
CA PHE A 977 29.21 10.25 -24.27
C PHE A 977 30.11 9.98 -23.07
N GLU A 978 31.30 10.60 -23.04
CA GLU A 978 32.27 10.50 -21.94
C GLU A 978 31.70 11.18 -20.69
N ARG A 979 31.06 12.35 -20.87
CA ARG A 979 30.43 13.14 -19.82
C ARG A 979 29.15 12.42 -19.30
N PHE A 980 28.37 11.82 -20.24
CA PHE A 980 27.18 11.02 -19.94
C PHE A 980 27.55 9.82 -19.03
N GLN A 981 28.68 9.11 -19.35
CA GLN A 981 29.20 8.00 -18.56
C GLN A 981 29.51 8.44 -17.13
N GLU A 982 30.21 9.58 -16.97
CA GLU A 982 30.59 10.12 -15.67
C GLU A 982 29.39 10.41 -14.80
N MET A 983 28.29 10.95 -15.39
CA MET A 983 26.99 11.23 -14.73
C MET A 983 26.40 9.94 -14.12
N CYS A 984 26.36 8.83 -14.93
CA CYS A 984 25.92 7.50 -14.57
C CYS A 984 26.72 6.93 -13.40
N TYR A 985 28.07 7.00 -13.48
CA TYR A 985 29.01 6.49 -12.46
C TYR A 985 28.80 7.18 -11.11
N LYS A 986 28.63 8.52 -11.15
CA LYS A 986 28.40 9.39 -10.00
C LYS A 986 27.03 9.09 -9.37
N ALA A 987 26.01 8.87 -10.21
CA ALA A 987 24.65 8.58 -9.78
C ALA A 987 24.58 7.21 -9.14
N TYR A 988 25.24 6.23 -9.73
CA TYR A 988 25.28 4.86 -9.23
C TYR A 988 25.89 4.80 -7.85
N LEU A 989 27.03 5.47 -7.66
CA LEU A 989 27.71 5.54 -6.36
C LEU A 989 26.93 6.36 -5.35
N ALA A 990 26.19 7.39 -5.79
CA ALA A 990 25.37 8.20 -4.86
C ALA A 990 24.22 7.40 -4.24
N ILE A 991 23.63 6.44 -5.00
CA ILE A 991 22.55 5.58 -4.48
C ILE A 991 23.14 4.46 -3.63
N ARG A 992 24.27 3.90 -4.07
CA ARG A 992 25.01 2.85 -3.35
C ARG A 992 25.44 3.33 -1.97
N GLN A 993 25.65 4.66 -1.80
CA GLN A 993 26.02 5.27 -0.51
C GLN A 993 24.83 5.41 0.38
N HIS A 994 23.63 5.51 -0.22
CA HIS A 994 22.33 5.61 0.46
C HIS A 994 21.55 4.32 0.39
N ALA A 995 22.25 3.20 0.13
CA ALA A 995 21.71 1.84 0.05
C ALA A 995 20.81 1.47 1.21
N ASN A 996 21.18 1.83 2.42
CA ASN A 996 20.41 1.50 3.63
C ASN A 996 19.01 2.06 3.57
N LEU A 997 18.87 3.32 3.05
CA LEU A 997 17.56 3.96 2.87
C LEU A 997 16.67 3.09 1.96
N PHE A 998 17.09 2.83 0.72
CA PHE A 998 16.38 2.01 -0.25
C PHE A 998 16.05 0.61 0.27
N ILE A 999 16.98 -0.03 0.99
CA ILE A 999 16.72 -1.35 1.58
C ILE A 999 15.61 -1.23 2.63
N ASN A 1000 15.64 -0.19 3.49
CA ASN A 1000 14.58 0.01 4.51
C ASN A 1000 13.23 0.26 3.90
N LEU A 1001 13.16 1.15 2.91
CA LEU A 1001 11.95 1.51 2.21
C LEU A 1001 11.26 0.29 1.58
N PHE A 1002 12.05 -0.62 0.96
CA PHE A 1002 11.56 -1.87 0.39
C PHE A 1002 11.14 -2.83 1.49
N SER A 1003 11.98 -2.99 2.56
CA SER A 1003 11.69 -3.84 3.75
C SER A 1003 10.37 -3.49 4.44
N MET A 1004 10.03 -2.18 4.49
CA MET A 1004 8.82 -1.59 5.07
C MET A 1004 7.56 -1.81 4.20
N MET A 1005 7.67 -2.50 3.04
CA MET A 1005 6.58 -2.78 2.10
C MET A 1005 6.29 -4.27 1.95
N LEU A 1006 6.98 -5.15 2.69
CA LEU A 1006 6.80 -6.61 2.57
C LEU A 1006 5.38 -7.14 2.88
N GLY A 1007 4.62 -6.37 3.68
CA GLY A 1007 3.27 -6.70 4.08
C GLY A 1007 2.20 -6.07 3.21
N SER A 1008 2.64 -5.27 2.21
CA SER A 1008 1.82 -4.52 1.25
C SER A 1008 0.91 -5.38 0.37
N GLY A 1009 1.33 -6.60 0.08
CA GLY A 1009 0.60 -7.49 -0.81
C GLY A 1009 1.00 -7.33 -2.26
N MET A 1010 2.11 -6.61 -2.53
CA MET A 1010 2.67 -6.43 -3.88
C MET A 1010 3.28 -7.77 -4.24
N PRO A 1011 2.99 -8.32 -5.43
CA PRO A 1011 3.48 -9.69 -5.74
C PRO A 1011 5.00 -9.85 -5.72
N GLU A 1012 5.70 -8.87 -6.30
CA GLU A 1012 7.15 -8.88 -6.47
C GLU A 1012 7.97 -8.43 -5.24
N LEU A 1013 7.30 -8.27 -4.07
CA LEU A 1013 7.86 -7.81 -2.79
C LEU A 1013 7.11 -8.54 -1.63
N GLN A 1014 7.56 -9.75 -1.34
CA GLN A 1014 6.96 -10.70 -0.41
C GLN A 1014 7.92 -11.20 0.67
N SER A 1015 9.23 -11.25 0.38
CA SER A 1015 10.25 -11.70 1.33
C SER A 1015 11.45 -10.79 1.28
N PHE A 1016 12.38 -10.98 2.22
CA PHE A 1016 13.63 -10.23 2.24
C PHE A 1016 14.53 -10.73 1.12
N ASP A 1017 14.34 -11.99 0.69
CA ASP A 1017 15.04 -12.58 -0.42
C ASP A 1017 14.66 -11.86 -1.71
N ASP A 1018 13.47 -11.23 -1.77
CA ASP A 1018 13.06 -10.44 -2.95
C ASP A 1018 13.84 -9.11 -3.04
N ILE A 1019 14.30 -8.58 -1.89
CA ILE A 1019 15.05 -7.31 -1.77
C ILE A 1019 16.50 -7.52 -2.15
N ALA A 1020 17.00 -8.77 -2.06
CA ALA A 1020 18.36 -9.21 -2.42
C ALA A 1020 18.80 -8.69 -3.78
N TYR A 1021 17.84 -8.50 -4.69
CA TYR A 1021 18.10 -8.00 -6.02
C TYR A 1021 18.85 -6.65 -6.00
N ILE A 1022 18.41 -5.67 -5.16
CA ILE A 1022 19.08 -4.37 -5.12
C ILE A 1022 20.43 -4.47 -4.40
N ARG A 1023 20.62 -5.52 -3.59
CA ARG A 1023 21.91 -5.81 -2.93
C ARG A 1023 22.88 -6.24 -4.04
N LYS A 1024 22.37 -6.91 -5.10
CA LYS A 1024 23.15 -7.33 -6.26
C LYS A 1024 23.43 -6.14 -7.17
N THR A 1025 22.39 -5.45 -7.68
CA THR A 1025 22.64 -4.31 -8.58
C THR A 1025 23.50 -3.22 -7.93
N LEU A 1026 23.36 -3.01 -6.59
CA LEU A 1026 24.18 -2.05 -5.85
C LEU A 1026 25.51 -2.64 -5.37
N ALA A 1027 25.75 -3.96 -5.63
CA ALA A 1027 26.96 -4.70 -5.34
C ALA A 1027 27.46 -4.39 -3.92
N LEU A 1028 26.57 -4.61 -2.94
CA LEU A 1028 26.83 -4.28 -1.54
C LEU A 1028 27.85 -5.15 -0.85
N ASP A 1029 28.04 -6.41 -1.30
CA ASP A 1029 29.05 -7.30 -0.73
C ASP A 1029 30.44 -7.14 -1.41
N LYS A 1030 30.65 -6.03 -2.14
CA LYS A 1030 31.89 -5.69 -2.85
C LYS A 1030 32.36 -4.32 -2.36
N THR A 1031 33.52 -3.87 -2.82
CA THR A 1031 34.06 -2.55 -2.48
C THR A 1031 33.49 -1.53 -3.48
N GLU A 1032 33.43 -0.25 -3.12
CA GLU A 1032 32.94 0.85 -3.96
C GLU A 1032 33.56 0.82 -5.40
N GLN A 1033 34.89 0.59 -5.49
CA GLN A 1033 35.64 0.47 -6.75
C GLN A 1033 35.22 -0.79 -7.54
N GLU A 1034 35.02 -1.95 -6.84
CA GLU A 1034 34.57 -3.22 -7.45
C GLU A 1034 33.13 -3.06 -8.00
N ALA A 1035 32.24 -2.39 -7.22
CA ALA A 1035 30.85 -2.09 -7.58
C ALA A 1035 30.73 -1.24 -8.86
N LEU A 1036 31.63 -0.26 -9.05
CA LEU A 1036 31.65 0.55 -10.24
C LEU A 1036 32.14 -0.26 -11.46
N GLU A 1037 33.07 -1.20 -11.22
CA GLU A 1037 33.57 -2.08 -12.28
C GLU A 1037 32.44 -2.97 -12.79
N TYR A 1038 31.62 -3.48 -11.83
CA TYR A 1038 30.42 -4.29 -12.02
C TYR A 1038 29.38 -3.51 -12.86
N PHE A 1039 29.05 -2.26 -12.45
CA PHE A 1039 28.12 -1.41 -13.19
C PHE A 1039 28.56 -1.27 -14.68
N MET A 1040 29.84 -0.90 -14.88
CA MET A 1040 30.49 -0.74 -16.19
C MET A 1040 30.43 -1.99 -17.06
N LYS A 1041 30.58 -3.18 -16.45
CA LYS A 1041 30.52 -4.46 -17.15
C LYS A 1041 29.09 -4.72 -17.63
N GLN A 1042 28.10 -4.48 -16.74
CA GLN A 1042 26.68 -4.63 -17.08
C GLN A 1042 26.33 -3.75 -18.27
N MET A 1043 26.76 -2.45 -18.25
CA MET A 1043 26.54 -1.54 -19.38
C MET A 1043 27.20 -2.04 -20.67
N ASN A 1044 28.47 -2.47 -20.58
CA ASN A 1044 29.24 -2.99 -21.71
C ASN A 1044 28.63 -4.22 -22.31
N ASP A 1045 28.24 -5.20 -21.48
CA ASP A 1045 27.61 -6.44 -21.93
C ASP A 1045 26.28 -6.17 -22.62
N ALA A 1046 25.53 -5.16 -22.13
CA ALA A 1046 24.22 -4.79 -22.68
C ALA A 1046 24.31 -3.99 -23.95
N HIS A 1047 25.30 -3.07 -24.03
CA HIS A 1047 25.47 -2.15 -25.15
C HIS A 1047 26.51 -2.59 -26.17
N HIS A 1048 27.16 -3.75 -25.91
CA HIS A 1048 28.19 -4.38 -26.75
C HIS A 1048 29.42 -3.48 -26.94
N GLY A 1049 29.85 -2.88 -25.84
CA GLY A 1049 31.02 -2.00 -25.79
C GLY A 1049 30.69 -0.53 -25.68
N GLY A 1050 31.73 0.28 -25.57
CA GLY A 1050 31.61 1.73 -25.48
C GLY A 1050 31.90 2.34 -24.13
N TRP A 1051 31.68 1.58 -23.03
CA TRP A 1051 31.84 2.11 -21.67
C TRP A 1051 33.26 1.94 -21.13
N THR A 1052 33.90 3.08 -20.87
CA THR A 1052 35.28 3.21 -20.38
C THR A 1052 35.35 4.10 -19.13
N THR A 1053 36.57 4.28 -18.55
CA THR A 1053 36.81 5.11 -17.36
C THR A 1053 38.28 5.65 -17.36
N LYS A 1054 38.78 6.11 -16.18
CA LYS A 1054 40.15 6.59 -15.94
C LYS A 1054 40.79 5.84 -14.73
N MET A 1055 41.95 5.14 -14.98
CA MET A 1055 42.81 4.32 -14.10
C MET A 1055 42.18 2.99 -13.61
N ASP A 1056 43.03 1.96 -13.33
CA ASP A 1056 42.63 0.60 -12.92
C ASP A 1056 42.98 0.19 -11.47
N TRP A 1057 44.29 0.20 -11.09
CA TRP A 1057 44.75 -0.22 -9.76
C TRP A 1057 44.26 0.66 -8.60
N ILE A 1058 44.38 1.99 -8.76
CA ILE A 1058 43.98 2.97 -7.73
C ILE A 1058 42.68 3.74 -8.08
N PHE A 1059 42.25 3.70 -9.36
CA PHE A 1059 41.07 4.36 -9.93
C PHE A 1059 41.10 5.89 -9.74
N HIS A 1060 42.29 6.49 -9.98
CA HIS A 1060 42.56 7.94 -9.89
C HIS A 1060 42.81 8.49 -11.30
N THR A 1061 42.22 9.65 -11.63
CA THR A 1061 42.35 10.32 -12.95
C THR A 1061 43.77 10.35 -13.52
N MET B 26 41.19 -34.77 4.58
CA MET B 26 41.02 -35.85 3.62
C MET B 26 40.17 -35.32 2.46
N SER B 27 40.80 -35.16 1.28
CA SER B 27 40.22 -34.61 0.04
C SER B 27 39.73 -33.12 0.21
N LEU B 28 39.20 -32.44 -0.85
CA LEU B 28 38.82 -31.01 -0.76
C LEU B 28 37.46 -30.67 -1.44
N GLN B 29 37.49 -30.12 -2.69
CA GLN B 29 36.34 -29.64 -3.49
C GLN B 29 35.37 -30.75 -3.91
N ASP B 30 35.82 -32.01 -3.88
CA ASP B 30 35.02 -33.19 -4.20
C ASP B 30 33.94 -33.47 -3.13
N ALA B 31 34.14 -32.87 -1.93
CA ALA B 31 33.28 -32.94 -0.75
C ALA B 31 31.84 -32.51 -1.07
N GLU B 32 30.88 -33.34 -0.64
CA GLU B 32 29.45 -33.21 -0.85
C GLU B 32 28.82 -31.96 -0.24
N TRP B 33 29.29 -31.51 0.94
CA TRP B 33 28.75 -30.34 1.65
C TRP B 33 29.28 -28.99 1.12
N TYR B 34 30.42 -28.97 0.38
CA TYR B 34 30.94 -27.72 -0.19
C TYR B 34 30.11 -27.39 -1.42
N TRP B 35 29.71 -26.12 -1.58
CA TRP B 35 28.85 -25.78 -2.71
C TRP B 35 29.35 -24.62 -3.60
N GLY B 36 30.49 -24.04 -3.23
CA GLY B 36 31.14 -22.97 -3.98
C GLY B 36 30.41 -21.64 -4.01
N ASP B 37 30.14 -21.16 -5.23
CA ASP B 37 29.54 -19.87 -5.58
C ASP B 37 28.03 -19.71 -5.29
N ILE B 38 27.39 -20.65 -4.56
CA ILE B 38 25.95 -20.49 -4.29
C ILE B 38 25.71 -19.39 -3.26
N SER B 39 24.64 -18.60 -3.47
CA SER B 39 24.23 -17.47 -2.63
C SER B 39 23.53 -17.91 -1.35
N ARG B 40 23.43 -16.97 -0.37
CA ARG B 40 22.79 -17.15 0.93
C ARG B 40 21.34 -17.65 0.71
N GLU B 41 20.67 -17.06 -0.28
CA GLU B 41 19.29 -17.33 -0.69
C GLU B 41 19.13 -18.80 -1.13
N GLU B 42 20.08 -19.33 -1.92
CA GLU B 42 20.06 -20.73 -2.39
C GLU B 42 20.18 -21.68 -1.21
N VAL B 43 21.04 -21.34 -0.23
CA VAL B 43 21.24 -22.07 1.03
C VAL B 43 19.93 -22.01 1.85
N ASN B 44 19.28 -20.83 1.95
CA ASN B 44 18.00 -20.64 2.67
C ASN B 44 16.93 -21.57 2.12
N GLU B 45 16.90 -21.72 0.76
CA GLU B 45 15.99 -22.62 0.03
C GLU B 45 16.28 -24.09 0.40
N LYS B 46 17.56 -24.48 0.43
CA LYS B 46 18.01 -25.83 0.78
C LYS B 46 17.74 -26.18 2.26
N LEU B 47 18.08 -25.26 3.17
CA LEU B 47 17.89 -25.41 4.62
C LEU B 47 16.43 -25.15 5.09
N ARG B 48 15.52 -24.84 4.15
CA ARG B 48 14.12 -24.57 4.47
C ARG B 48 13.46 -25.80 5.04
N ASP B 49 12.84 -25.64 6.23
CA ASP B 49 12.09 -26.64 6.99
C ASP B 49 12.92 -27.89 7.37
N THR B 50 14.28 -27.78 7.38
CA THR B 50 15.18 -28.89 7.73
C THR B 50 15.33 -29.07 9.26
N ALA B 51 15.95 -30.20 9.64
CA ALA B 51 16.19 -30.61 11.02
C ALA B 51 17.47 -30.02 11.58
N ASP B 52 17.52 -29.76 12.92
CA ASP B 52 18.72 -29.24 13.61
C ASP B 52 19.93 -30.13 13.25
N GLY B 53 21.02 -29.49 12.85
CA GLY B 53 22.23 -30.18 12.47
C GLY B 53 22.46 -30.24 10.98
N THR B 54 21.45 -29.83 10.16
CA THR B 54 21.58 -29.78 8.70
C THR B 54 22.52 -28.62 8.36
N PHE B 55 23.56 -28.90 7.54
CA PHE B 55 24.58 -27.91 7.23
C PHE B 55 25.13 -28.03 5.80
N LEU B 56 25.85 -26.97 5.37
CA LEU B 56 26.59 -26.84 4.12
C LEU B 56 27.60 -25.67 4.18
N VAL B 57 28.69 -25.79 3.41
CA VAL B 57 29.74 -24.79 3.31
C VAL B 57 29.75 -24.22 1.87
N ARG B 58 30.07 -22.93 1.74
CA ARG B 58 30.09 -22.20 0.47
C ARG B 58 31.05 -21.03 0.58
N ASP B 59 31.41 -20.41 -0.56
CA ASP B 59 32.27 -19.24 -0.58
C ASP B 59 31.58 -18.06 0.15
N ALA B 60 32.37 -17.23 0.84
CA ALA B 60 31.90 -16.06 1.59
C ALA B 60 31.35 -14.95 0.67
N SER B 61 30.77 -13.88 1.27
CA SER B 61 30.18 -12.70 0.61
C SER B 61 28.96 -13.02 -0.27
N ASP B 67 38.45 -17.45 2.27
CA ASP B 67 37.56 -17.69 3.42
C ASP B 67 36.16 -18.14 2.99
N TYR B 68 35.58 -19.08 3.74
CA TYR B 68 34.28 -19.68 3.43
C TYR B 68 33.29 -19.55 4.59
N THR B 69 31.98 -19.77 4.30
CA THR B 69 30.90 -19.67 5.28
C THR B 69 30.16 -20.99 5.48
N LEU B 70 30.21 -21.51 6.72
CA LEU B 70 29.45 -22.69 7.11
C LEU B 70 28.09 -22.18 7.58
N THR B 71 27.01 -22.74 7.06
CA THR B 71 25.65 -22.39 7.44
C THR B 71 25.06 -23.61 8.17
N LEU B 72 24.60 -23.41 9.41
CA LEU B 72 24.09 -24.49 10.26
C LEU B 72 22.62 -24.28 10.71
N ARG B 73 21.77 -25.29 10.43
CA ARG B 73 20.36 -25.28 10.80
C ARG B 73 20.22 -25.59 12.30
N LYS B 74 19.63 -24.63 13.05
CA LYS B 74 19.45 -24.75 14.49
C LYS B 74 18.28 -23.89 14.96
N GLY B 75 17.36 -24.51 15.71
CA GLY B 75 16.18 -23.88 16.30
C GLY B 75 15.33 -23.06 15.35
N GLY B 76 15.03 -23.65 14.19
CA GLY B 76 14.23 -23.06 13.13
C GLY B 76 14.89 -21.94 12.34
N ASN B 77 16.20 -21.71 12.58
CA ASN B 77 17.00 -20.65 11.94
C ASN B 77 18.26 -21.19 11.34
N ASN B 78 18.82 -20.46 10.37
CA ASN B 78 20.06 -20.81 9.71
C ASN B 78 21.14 -19.92 10.32
N LYS B 79 22.11 -20.54 11.01
CA LYS B 79 23.20 -19.81 11.65
C LYS B 79 24.37 -19.72 10.66
N LEU B 80 24.94 -18.53 10.49
CA LEU B 80 26.08 -18.34 9.60
C LEU B 80 27.31 -18.31 10.48
N ILE B 81 28.25 -19.23 10.26
CA ILE B 81 29.50 -19.34 11.02
C ILE B 81 30.66 -19.15 10.05
N LYS B 82 31.44 -18.07 10.22
CA LYS B 82 32.59 -17.73 9.36
C LYS B 82 33.78 -18.69 9.55
N ILE B 83 34.40 -19.14 8.43
CA ILE B 83 35.59 -19.99 8.47
C ILE B 83 36.81 -19.15 8.03
N PHE B 84 37.69 -18.81 9.00
CA PHE B 84 38.89 -18.00 8.79
C PHE B 84 40.05 -18.84 8.24
N GLY B 91 39.00 -22.55 11.07
CA GLY B 91 38.95 -21.94 12.39
C GLY B 91 37.87 -20.89 12.51
N PHE B 92 37.05 -20.96 13.59
CA PHE B 92 35.95 -20.02 13.87
C PHE B 92 36.48 -18.81 14.63
N SER B 93 36.97 -19.06 15.85
CA SER B 93 37.63 -18.09 16.72
C SER B 93 39.04 -18.62 16.81
N ASP B 94 40.01 -17.70 16.82
CA ASP B 94 41.44 -18.05 16.74
C ASP B 94 42.03 -18.71 18.02
N PRO B 95 43.29 -19.19 18.01
CA PRO B 95 44.21 -19.26 16.86
C PRO B 95 43.73 -20.03 15.58
N LEU B 96 43.39 -21.35 15.73
CA LEU B 96 43.07 -22.41 14.72
C LEU B 96 43.50 -23.75 15.30
N THR B 97 43.47 -24.82 14.46
CA THR B 97 43.83 -26.23 14.32
C THR B 97 43.09 -26.66 12.99
N PHE B 98 42.83 -25.61 12.08
CA PHE B 98 42.18 -25.76 10.74
C PHE B 98 42.70 -26.96 9.77
N SER B 99 44.01 -27.29 9.83
CA SER B 99 44.68 -28.35 9.01
C SER B 99 44.26 -28.06 7.52
N SER B 100 43.06 -28.51 7.11
CA SER B 100 42.42 -28.13 5.86
C SER B 100 40.96 -27.86 6.22
N VAL B 101 40.16 -27.27 5.33
CA VAL B 101 38.75 -26.98 5.64
C VAL B 101 37.96 -28.26 6.00
N VAL B 102 38.23 -29.35 5.27
CA VAL B 102 37.59 -30.65 5.45
C VAL B 102 37.78 -31.23 6.86
N GLU B 103 38.99 -31.08 7.42
CA GLU B 103 39.28 -31.54 8.79
C GLU B 103 38.40 -30.82 9.83
N LEU B 104 38.11 -29.52 9.60
CA LEU B 104 37.25 -28.70 10.49
C LEU B 104 35.83 -29.24 10.50
N ILE B 105 35.23 -29.45 9.31
CA ILE B 105 33.87 -29.99 9.17
C ILE B 105 33.75 -31.41 9.75
N ASN B 106 34.68 -32.32 9.35
CA ASN B 106 34.71 -33.70 9.83
C ASN B 106 34.95 -33.81 11.33
N HIS B 107 35.65 -32.82 11.95
CA HIS B 107 35.87 -32.79 13.40
C HIS B 107 34.53 -32.64 14.14
N TYR B 108 33.67 -31.71 13.67
CA TYR B 108 32.36 -31.45 14.25
C TYR B 108 31.27 -32.42 13.71
N ARG B 109 31.53 -33.11 12.57
CA ARG B 109 30.61 -34.08 11.95
C ARG B 109 30.73 -35.43 12.67
N LEU B 124 27.22 -30.82 13.90
CA LEU B 124 27.21 -30.78 12.43
C LEU B 124 26.85 -32.16 11.87
N LEU B 125 25.61 -32.58 12.14
CA LEU B 125 25.00 -33.88 11.82
C LEU B 125 24.90 -34.24 10.32
N TYR B 126 23.83 -33.74 9.65
CA TYR B 126 23.46 -34.05 8.26
C TYR B 126 24.00 -33.10 7.20
N PRO B 127 24.68 -33.60 6.14
CA PRO B 127 25.16 -32.69 5.09
C PRO B 127 24.19 -32.55 3.91
N VAL B 128 24.20 -31.38 3.28
CA VAL B 128 23.40 -31.12 2.08
C VAL B 128 24.38 -31.51 0.95
N SER B 129 24.22 -32.73 0.41
CA SER B 129 25.13 -33.25 -0.61
C SER B 129 24.88 -32.68 -1.99
N LYS B 130 25.97 -32.48 -2.77
CA LYS B 130 25.92 -32.03 -4.17
C LYS B 130 25.23 -33.14 -4.97
N TYR B 131 25.54 -34.40 -4.59
CA TYR B 131 25.00 -35.65 -5.15
C TYR B 131 23.53 -35.79 -4.80
N GLN B 132 22.76 -36.47 -5.69
CA GLN B 132 21.30 -36.72 -5.64
C GLN B 132 20.52 -35.55 -6.26
N GLN B 133 21.10 -34.33 -6.23
CA GLN B 133 20.56 -33.14 -6.89
C GLN B 133 20.89 -33.37 -8.36
N ASP B 134 22.12 -33.89 -8.61
CA ASP B 134 22.60 -34.23 -9.94
C ASP B 134 22.06 -35.60 -10.41
N GLN B 135 21.20 -36.25 -9.58
CA GLN B 135 20.53 -37.51 -9.91
C GLN B 135 19.31 -37.22 -10.79
N VAL B 136 18.72 -36.01 -10.63
CA VAL B 136 17.53 -35.51 -11.34
C VAL B 136 17.73 -35.47 -12.88
N VAL B 137 18.95 -35.09 -13.34
CA VAL B 137 19.28 -35.06 -14.76
C VAL B 137 20.02 -36.33 -15.16
N LYS B 138 19.27 -37.25 -15.76
CA LYS B 138 19.74 -38.56 -16.20
C LYS B 138 20.60 -38.48 -17.45
N GLU B 139 20.19 -37.64 -18.43
CA GLU B 139 20.77 -37.48 -19.76
C GLU B 139 22.30 -37.26 -19.78
N ASP B 140 22.94 -37.91 -20.74
CA ASP B 140 24.38 -37.98 -20.95
C ASP B 140 24.95 -36.72 -21.64
N ASN B 141 24.43 -36.39 -22.85
CA ASN B 141 24.88 -35.31 -23.72
C ASN B 141 24.15 -33.95 -23.54
N ILE B 142 24.74 -32.91 -24.13
CA ILE B 142 24.21 -31.55 -24.15
C ILE B 142 22.91 -31.45 -24.97
N GLU B 143 22.80 -32.26 -26.05
CA GLU B 143 21.66 -32.22 -26.93
C GLU B 143 20.39 -32.84 -26.31
N ALA B 144 20.57 -33.97 -25.58
CA ALA B 144 19.50 -34.67 -24.87
C ALA B 144 18.99 -33.81 -23.70
N VAL B 145 19.89 -33.08 -23.02
CA VAL B 145 19.56 -32.19 -21.90
C VAL B 145 18.79 -30.94 -22.37
N GLY B 146 19.27 -30.32 -23.46
CA GLY B 146 18.64 -29.16 -24.08
C GLY B 146 17.27 -29.48 -24.61
N LYS B 147 17.10 -30.71 -25.15
CA LYS B 147 15.81 -31.22 -25.67
C LYS B 147 14.84 -31.35 -24.47
N LYS B 148 15.35 -31.87 -23.33
CA LYS B 148 14.54 -32.05 -22.12
C LYS B 148 14.22 -30.73 -21.41
N LEU B 149 15.15 -29.76 -21.44
CA LEU B 149 14.96 -28.41 -20.86
C LEU B 149 13.84 -27.70 -21.61
N HIS B 150 13.90 -27.76 -22.96
CA HIS B 150 12.87 -27.21 -23.83
C HIS B 150 11.52 -27.86 -23.57
N GLU B 151 11.46 -29.17 -23.28
CA GLU B 151 10.19 -29.86 -22.98
C GLU B 151 9.59 -29.30 -21.68
N TYR B 152 10.37 -29.37 -20.58
CA TYR B 152 10.00 -28.91 -19.25
C TYR B 152 9.65 -27.44 -19.20
N ASN B 153 10.44 -26.60 -19.90
CA ASN B 153 10.20 -25.15 -19.95
C ASN B 153 8.89 -24.84 -20.65
N THR B 154 8.59 -25.55 -21.75
CA THR B 154 7.32 -25.43 -22.46
C THR B 154 6.14 -25.86 -21.53
N GLN B 155 6.27 -27.00 -20.79
CA GLN B 155 5.26 -27.52 -19.85
C GLN B 155 5.03 -26.51 -18.70
N PHE B 156 6.13 -25.91 -18.22
CA PHE B 156 6.09 -24.94 -17.14
C PHE B 156 5.34 -23.66 -17.52
N GLN B 157 5.58 -23.14 -18.73
CA GLN B 157 4.95 -21.92 -19.21
C GLN B 157 3.44 -22.10 -19.40
N GLU B 158 3.01 -23.27 -19.92
CA GLU B 158 1.61 -23.64 -20.08
C GLU B 158 0.97 -23.69 -18.71
N LYS B 159 1.53 -24.54 -17.80
CA LYS B 159 1.05 -24.71 -16.43
C LYS B 159 1.00 -23.36 -15.66
N SER B 160 1.99 -22.46 -15.88
CA SER B 160 1.98 -21.12 -15.27
C SER B 160 0.78 -20.26 -15.72
N ARG B 161 0.53 -20.24 -17.04
CA ARG B 161 -0.57 -19.51 -17.65
C ARG B 161 -1.94 -20.07 -17.18
N GLU B 162 -1.99 -21.39 -16.89
CA GLU B 162 -3.18 -22.08 -16.38
C GLU B 162 -3.41 -21.65 -14.93
N TYR B 163 -2.34 -21.58 -14.09
CA TYR B 163 -2.41 -21.12 -12.70
C TYR B 163 -2.87 -19.67 -12.62
N ASP B 164 -2.34 -18.81 -13.51
CA ASP B 164 -2.68 -17.39 -13.58
C ASP B 164 -4.15 -17.22 -13.92
N ARG B 165 -4.63 -17.94 -14.93
CA ARG B 165 -6.03 -17.93 -15.36
C ARG B 165 -6.95 -18.42 -14.24
N LEU B 166 -6.54 -19.48 -13.55
CA LEU B 166 -7.29 -20.07 -12.43
C LEU B 166 -7.31 -19.13 -11.23
N TYR B 167 -6.18 -18.43 -10.98
CA TYR B 167 -6.07 -17.47 -9.89
C TYR B 167 -6.98 -16.23 -10.12
N GLU B 168 -7.19 -15.81 -11.37
CA GLU B 168 -8.06 -14.68 -11.72
C GLU B 168 -9.50 -15.07 -11.50
N GLU B 169 -9.87 -16.31 -11.82
CA GLU B 169 -11.22 -16.80 -11.59
C GLU B 169 -11.49 -17.00 -10.09
N TYR B 170 -10.45 -17.29 -9.30
CA TYR B 170 -10.53 -17.46 -7.87
C TYR B 170 -10.88 -16.11 -7.23
N THR B 171 -10.15 -15.06 -7.61
CA THR B 171 -10.31 -13.68 -7.15
C THR B 171 -11.68 -13.11 -7.50
N ARG B 172 -12.10 -13.28 -8.76
CA ARG B 172 -13.38 -12.82 -9.27
C ARG B 172 -14.53 -13.49 -8.46
N THR B 173 -14.49 -14.83 -8.34
CA THR B 173 -15.49 -15.62 -7.58
C THR B 173 -15.53 -15.20 -6.11
N SER B 174 -14.37 -14.91 -5.52
CA SER B 174 -14.26 -14.50 -4.15
C SER B 174 -14.87 -13.11 -3.99
N GLN B 175 -14.63 -12.19 -4.95
CA GLN B 175 -15.20 -10.84 -4.95
C GLN B 175 -16.72 -10.89 -5.09
N GLU B 176 -17.22 -11.64 -6.11
CA GLU B 176 -18.64 -11.81 -6.42
C GLU B 176 -19.41 -12.37 -5.26
N ILE B 177 -18.83 -13.34 -4.54
CA ILE B 177 -19.44 -13.95 -3.37
C ILE B 177 -19.69 -12.89 -2.31
N GLN B 178 -18.68 -12.02 -2.08
CA GLN B 178 -18.75 -10.94 -1.09
C GLN B 178 -19.83 -9.90 -1.45
N MET B 179 -20.06 -9.65 -2.75
CA MET B 179 -21.08 -8.73 -3.26
C MET B 179 -22.51 -9.24 -2.92
N LYS B 180 -22.78 -10.53 -3.20
CA LYS B 180 -24.03 -11.25 -2.95
C LYS B 180 -24.37 -11.31 -1.49
N ARG B 181 -23.34 -11.50 -0.62
CA ARG B 181 -23.48 -11.56 0.84
C ARG B 181 -23.98 -10.22 1.35
N THR B 182 -23.43 -9.11 0.83
CA THR B 182 -23.87 -7.74 1.14
C THR B 182 -25.29 -7.49 0.65
N ALA B 183 -25.62 -8.02 -0.54
CA ALA B 183 -26.91 -7.90 -1.19
C ALA B 183 -27.99 -8.66 -0.44
N ILE B 184 -27.66 -9.85 0.11
CA ILE B 184 -28.64 -10.61 0.90
C ILE B 184 -28.92 -9.84 2.22
N GLU B 185 -27.89 -9.20 2.81
CA GLU B 185 -28.00 -8.37 4.01
C GLU B 185 -28.92 -7.16 3.73
N ALA B 186 -28.81 -6.60 2.51
CA ALA B 186 -29.64 -5.49 2.05
C ALA B 186 -31.08 -5.94 1.85
N PHE B 187 -31.31 -7.17 1.28
CA PHE B 187 -32.65 -7.78 1.11
C PHE B 187 -33.28 -8.05 2.48
N ASN B 188 -32.46 -8.54 3.44
CA ASN B 188 -32.89 -8.83 4.80
C ASN B 188 -33.42 -7.57 5.48
N GLU B 189 -32.72 -6.43 5.29
CA GLU B 189 -33.13 -5.16 5.86
C GLU B 189 -34.34 -4.59 5.14
N THR B 190 -34.43 -4.82 3.80
CA THR B 190 -35.52 -4.34 2.95
C THR B 190 -36.84 -5.01 3.31
N ILE B 191 -36.79 -6.39 3.39
CA ILE B 191 -37.94 -7.24 3.71
C ILE B 191 -38.53 -6.84 5.06
N LYS B 192 -37.66 -6.57 6.06
CA LYS B 192 -38.03 -6.14 7.41
C LYS B 192 -38.87 -4.83 7.39
N ILE B 193 -38.52 -3.88 6.50
CA ILE B 193 -39.21 -2.59 6.35
C ILE B 193 -40.60 -2.79 5.75
N PHE B 194 -40.69 -3.66 4.73
CA PHE B 194 -41.96 -4.01 4.07
C PHE B 194 -42.90 -4.80 4.99
N GLU B 195 -42.35 -5.65 5.87
CA GLU B 195 -43.14 -6.37 6.87
C GLU B 195 -43.65 -5.35 7.92
N GLU B 196 -42.79 -4.40 8.35
CA GLU B 196 -43.19 -3.31 9.26
C GLU B 196 -44.35 -2.48 8.65
N GLN B 197 -44.40 -2.30 7.31
CA GLN B 197 -45.47 -1.57 6.64
C GLN B 197 -46.78 -2.29 6.78
N CYS B 198 -46.75 -3.65 6.66
CA CYS B 198 -47.92 -4.51 6.84
C CYS B 198 -48.45 -4.33 8.23
N GLN B 199 -47.58 -4.46 9.25
CA GLN B 199 -47.87 -4.29 10.66
C GLN B 199 -48.52 -2.91 10.90
N THR B 200 -47.89 -1.84 10.39
CA THR B 200 -48.35 -0.47 10.50
C THR B 200 -49.71 -0.30 9.82
N GLN B 201 -49.95 -0.89 8.62
CA GLN B 201 -51.24 -0.82 7.91
C GLN B 201 -52.32 -1.58 8.71
N GLU B 202 -51.94 -2.75 9.25
CA GLU B 202 -52.79 -3.61 10.06
C GLU B 202 -53.23 -2.87 11.33
N ARG B 203 -52.28 -2.20 12.07
CA ARG B 203 -52.56 -1.41 13.30
C ARG B 203 -53.54 -0.26 13.06
N TYR B 204 -53.45 0.42 11.90
CA TYR B 204 -54.34 1.55 11.60
C TYR B 204 -55.69 1.08 11.07
N SER B 205 -55.74 0.47 9.86
CA SER B 205 -56.96 0.03 9.15
C SER B 205 -57.98 -0.72 10.02
N LYS B 206 -57.49 -1.58 10.95
CA LYS B 206 -58.29 -2.38 11.88
C LYS B 206 -59.51 -1.62 12.42
N GLU B 207 -59.30 -0.35 12.86
CA GLU B 207 -60.36 0.53 13.37
C GLU B 207 -61.14 1.25 12.27
N TYR B 208 -60.47 1.66 11.17
CA TYR B 208 -61.11 2.38 10.07
C TYR B 208 -62.07 1.50 9.25
N ILE B 209 -61.67 0.25 8.93
CA ILE B 209 -62.52 -0.68 8.16
C ILE B 209 -63.78 -1.03 8.97
N GLU B 210 -63.60 -1.23 10.31
CA GLU B 210 -64.65 -1.52 11.28
C GLU B 210 -65.68 -0.38 11.29
N LYS B 211 -65.18 0.88 11.22
CA LYS B 211 -66.02 2.07 11.19
C LYS B 211 -66.69 2.27 9.82
N PHE B 212 -65.94 2.08 8.71
CA PHE B 212 -66.44 2.26 7.33
C PHE B 212 -67.66 1.39 6.96
N LYS B 213 -67.85 0.25 7.65
CA LYS B 213 -68.98 -0.66 7.46
C LYS B 213 -70.27 -0.03 8.02
N ARG B 214 -70.14 0.76 9.12
CA ARG B 214 -71.26 1.48 9.75
C ARG B 214 -71.83 2.58 8.83
N GLU B 215 -70.97 3.11 7.90
CA GLU B 215 -71.33 4.15 6.92
C GLU B 215 -71.66 3.57 5.51
N GLY B 216 -71.67 2.23 5.40
CA GLY B 216 -71.98 1.49 4.17
C GLY B 216 -71.06 1.75 2.99
N ASN B 217 -69.85 2.31 3.25
CA ASN B 217 -68.88 2.64 2.22
C ASN B 217 -68.03 1.44 1.83
N GLU B 218 -68.52 0.66 0.85
CA GLU B 218 -67.81 -0.52 0.35
C GLU B 218 -66.66 -0.15 -0.58
N LYS B 219 -66.72 1.03 -1.24
CA LYS B 219 -65.67 1.52 -2.13
C LYS B 219 -64.36 1.84 -1.38
N GLU B 220 -64.46 2.47 -0.18
CA GLU B 220 -63.33 2.83 0.69
C GLU B 220 -62.63 1.61 1.27
N ILE B 221 -63.40 0.56 1.69
CA ILE B 221 -62.85 -0.68 2.26
C ILE B 221 -62.09 -1.44 1.17
N GLN B 222 -62.64 -1.45 -0.05
CA GLN B 222 -62.03 -2.09 -1.21
C GLN B 222 -60.75 -1.30 -1.64
N ARG B 223 -60.74 0.04 -1.43
CA ARG B 223 -59.58 0.89 -1.72
C ARG B 223 -58.42 0.54 -0.76
N ILE B 224 -58.72 0.37 0.56
CA ILE B 224 -57.77 0.00 1.64
C ILE B 224 -57.16 -1.36 1.37
N MET B 225 -58.00 -2.40 1.18
CA MET B 225 -57.50 -3.74 0.96
C MET B 225 -56.84 -3.90 -0.44
N HIS B 226 -57.13 -3.03 -1.40
CA HIS B 226 -56.44 -3.09 -2.71
C HIS B 226 -54.95 -2.70 -2.52
N ASN B 227 -54.70 -1.77 -1.60
CA ASN B 227 -53.35 -1.30 -1.26
C ASN B 227 -52.57 -2.34 -0.44
N TYR B 228 -53.26 -3.08 0.43
CA TYR B 228 -52.70 -4.17 1.23
C TYR B 228 -52.30 -5.35 0.32
N ASP B 229 -53.03 -5.55 -0.80
CA ASP B 229 -52.73 -6.58 -1.77
C ASP B 229 -51.46 -6.20 -2.50
N LYS B 230 -51.38 -4.90 -2.91
CA LYS B 230 -50.23 -4.29 -3.57
C LYS B 230 -48.99 -4.43 -2.68
N LEU B 231 -49.14 -4.16 -1.37
CA LEU B 231 -48.08 -4.29 -0.38
C LEU B 231 -47.60 -5.73 -0.18
N LYS B 232 -48.52 -6.70 -0.07
CA LYS B 232 -48.19 -8.11 0.09
C LYS B 232 -47.53 -8.71 -1.17
N SER B 233 -48.04 -8.39 -2.37
CA SER B 233 -47.50 -8.92 -3.62
C SER B 233 -46.04 -8.48 -3.78
N ARG B 234 -45.77 -7.20 -3.42
CA ARG B 234 -44.44 -6.59 -3.46
C ARG B 234 -43.48 -7.32 -2.52
N ILE B 235 -43.93 -7.66 -1.30
CA ILE B 235 -43.13 -8.41 -0.31
C ILE B 235 -42.80 -9.81 -0.83
N SER B 236 -43.76 -10.46 -1.47
CA SER B 236 -43.58 -11.78 -2.09
C SER B 236 -42.54 -11.66 -3.24
N GLU B 237 -42.55 -10.54 -3.99
CA GLU B 237 -41.60 -10.27 -5.08
C GLU B 237 -40.19 -10.05 -4.55
N ILE B 238 -40.06 -9.37 -3.39
CA ILE B 238 -38.77 -9.08 -2.75
C ILE B 238 -38.19 -10.35 -2.12
N ILE B 239 -39.05 -11.13 -1.45
CA ILE B 239 -38.68 -12.39 -0.79
C ILE B 239 -38.18 -13.40 -1.83
N ASP B 240 -38.89 -13.50 -2.98
CA ASP B 240 -38.54 -14.38 -4.08
C ASP B 240 -37.21 -13.97 -4.70
N SER B 241 -37.01 -12.65 -4.90
CA SER B 241 -35.75 -12.10 -5.41
C SER B 241 -34.57 -12.44 -4.47
N ARG B 242 -34.78 -12.41 -3.14
CA ARG B 242 -33.74 -12.81 -2.16
C ARG B 242 -33.49 -14.31 -2.25
N ARG B 243 -34.57 -15.12 -2.38
CA ARG B 243 -34.52 -16.58 -2.49
C ARG B 243 -33.61 -16.97 -3.66
N ARG B 244 -33.78 -16.34 -4.84
CA ARG B 244 -32.99 -16.57 -6.04
C ARG B 244 -31.53 -16.14 -5.85
N LEU B 245 -31.29 -15.04 -5.11
CA LEU B 245 -29.94 -14.59 -4.83
C LEU B 245 -29.23 -15.56 -3.89
N GLU B 246 -30.00 -16.15 -2.94
CA GLU B 246 -29.53 -17.16 -1.99
C GLU B 246 -29.13 -18.42 -2.76
N GLU B 247 -29.85 -18.74 -3.86
CA GLU B 247 -29.56 -19.88 -4.73
C GLU B 247 -28.24 -19.72 -5.50
N ASP B 248 -28.07 -18.56 -6.18
CA ASP B 248 -26.86 -18.22 -6.94
C ASP B 248 -25.62 -18.26 -6.05
N LEU B 249 -25.76 -17.79 -4.79
CA LEU B 249 -24.69 -17.75 -3.82
C LEU B 249 -24.29 -19.16 -3.40
N LYS B 250 -25.27 -20.06 -3.20
CA LYS B 250 -24.98 -21.45 -2.82
C LYS B 250 -24.17 -22.13 -3.94
N LYS B 251 -24.59 -21.91 -5.20
CA LYS B 251 -23.94 -22.41 -6.42
C LYS B 251 -22.53 -21.81 -6.57
N GLN B 252 -22.37 -20.48 -6.47
CA GLN B 252 -21.07 -19.82 -6.55
C GLN B 252 -20.15 -20.16 -5.36
N ALA B 253 -20.71 -20.45 -4.19
CA ALA B 253 -19.90 -20.89 -3.04
C ALA B 253 -19.30 -22.29 -3.33
N ALA B 254 -20.07 -23.14 -4.01
CA ALA B 254 -19.65 -24.49 -4.43
C ALA B 254 -18.61 -24.35 -5.54
N GLU B 255 -18.82 -23.42 -6.49
CA GLU B 255 -17.89 -23.10 -7.58
C GLU B 255 -16.56 -22.57 -7.01
N TYR B 256 -16.57 -21.90 -5.82
CA TYR B 256 -15.34 -21.40 -5.18
C TYR B 256 -14.54 -22.55 -4.55
N ARG B 257 -15.22 -23.48 -3.86
CA ARG B 257 -14.56 -24.64 -3.24
C ARG B 257 -13.77 -25.43 -4.30
N GLU B 258 -14.37 -25.61 -5.51
CA GLU B 258 -13.79 -26.36 -6.62
C GLU B 258 -12.60 -25.65 -7.26
N ILE B 259 -12.63 -24.30 -7.33
CA ILE B 259 -11.51 -23.50 -7.85
C ILE B 259 -10.37 -23.61 -6.83
N ASP B 260 -10.70 -23.53 -5.53
CA ASP B 260 -9.71 -23.66 -4.45
C ASP B 260 -9.09 -25.06 -4.54
N LYS B 261 -9.91 -26.13 -4.64
CA LYS B 261 -9.47 -27.53 -4.83
C LYS B 261 -8.50 -27.65 -6.03
N ARG B 262 -8.92 -27.21 -7.23
CA ARG B 262 -8.08 -27.21 -8.44
C ARG B 262 -6.73 -26.51 -8.22
N MET B 263 -6.72 -25.40 -7.46
CA MET B 263 -5.52 -24.61 -7.20
C MET B 263 -4.55 -25.28 -6.23
N ASN B 264 -5.08 -26.00 -5.23
CA ASN B 264 -4.26 -26.72 -4.28
C ASN B 264 -3.57 -27.93 -4.93
N SER B 265 -4.08 -28.35 -6.11
CA SER B 265 -3.54 -29.42 -6.94
C SER B 265 -2.41 -28.91 -7.87
N ILE B 266 -2.60 -27.75 -8.56
CA ILE B 266 -1.58 -27.26 -9.48
C ILE B 266 -0.39 -26.64 -8.74
N LYS B 267 -0.61 -25.91 -7.62
CA LYS B 267 0.47 -25.28 -6.85
C LYS B 267 1.68 -26.23 -6.63
N PRO B 268 1.54 -27.44 -6.00
CA PRO B 268 2.70 -28.32 -5.81
C PRO B 268 3.32 -28.81 -7.11
N ASP B 269 2.50 -29.06 -8.15
CA ASP B 269 2.97 -29.51 -9.46
C ASP B 269 3.69 -28.40 -10.26
N LEU B 270 3.42 -27.13 -9.94
CA LEU B 270 4.06 -26.02 -10.62
C LEU B 270 5.45 -25.75 -9.99
N ILE B 271 5.56 -25.91 -8.66
CA ILE B 271 6.80 -25.75 -7.88
C ILE B 271 7.79 -26.82 -8.32
N GLN B 272 7.34 -28.08 -8.35
CA GLN B 272 8.16 -29.23 -8.75
C GLN B 272 8.69 -29.08 -10.20
N LEU B 273 7.80 -28.75 -11.13
CA LEU B 273 8.09 -28.55 -12.54
C LEU B 273 9.09 -27.41 -12.77
N ARG B 274 8.99 -26.31 -11.98
CA ARG B 274 9.92 -25.18 -12.03
C ARG B 274 11.29 -25.61 -11.54
N LYS B 275 11.33 -26.39 -10.45
CA LYS B 275 12.58 -26.89 -9.84
C LYS B 275 13.33 -27.84 -10.78
N THR B 276 12.60 -28.62 -11.59
CA THR B 276 13.16 -29.50 -12.62
C THR B 276 13.67 -28.63 -13.77
N ARG B 277 12.84 -27.70 -14.29
CA ARG B 277 13.27 -26.79 -15.35
C ARG B 277 14.62 -26.16 -14.94
N ASP B 278 14.70 -25.60 -13.71
CA ASP B 278 15.87 -24.97 -13.12
C ASP B 278 17.05 -25.93 -12.95
N GLN B 279 16.76 -27.21 -12.63
CA GLN B 279 17.80 -28.21 -12.45
C GLN B 279 18.49 -28.54 -13.78
N TYR B 280 17.69 -28.68 -14.87
CA TYR B 280 18.19 -28.92 -16.23
C TYR B 280 18.94 -27.71 -16.76
N LEU B 281 18.49 -26.51 -16.35
CA LEU B 281 19.11 -25.24 -16.72
C LEU B 281 20.50 -25.15 -16.12
N MET B 282 20.65 -25.48 -14.82
CA MET B 282 21.93 -25.51 -14.09
C MET B 282 22.88 -26.52 -14.69
N TRP B 283 22.38 -27.71 -15.06
CA TRP B 283 23.12 -28.81 -15.69
C TRP B 283 23.70 -28.35 -17.02
N LEU B 284 22.91 -27.64 -17.83
CA LEU B 284 23.29 -27.14 -19.16
C LEU B 284 24.34 -26.01 -19.08
N THR B 285 24.31 -25.18 -18.00
CA THR B 285 25.32 -24.11 -17.82
C THR B 285 26.67 -24.74 -17.49
N GLN B 286 26.70 -25.70 -16.55
CA GLN B 286 27.94 -26.36 -16.10
C GLN B 286 28.59 -27.25 -17.21
N LYS B 287 27.76 -27.95 -18.02
CA LYS B 287 28.22 -28.80 -19.12
C LYS B 287 28.77 -27.98 -20.29
N GLY B 288 28.11 -26.86 -20.59
CA GLY B 288 28.53 -25.93 -21.64
C GLY B 288 29.72 -25.09 -21.22
N VAL B 289 30.47 -24.54 -22.20
CA VAL B 289 31.67 -23.71 -22.02
C VAL B 289 31.41 -22.51 -21.06
N ARG B 290 32.38 -22.22 -20.18
CA ARG B 290 32.34 -21.15 -19.18
C ARG B 290 33.27 -19.99 -19.54
#